data_6XCU
#
_entry.id   6XCU
#
_entity_poly.entity_id   1
_entity_poly.type   'polypeptide(L)'
_entity_poly.pdbx_seq_one_letter_code
;MISDEQLNSLAITFGIVMMTLIDIYHAVDSTMSPKNRLEHHHHHH
;
_entity_poly.pdbx_strand_id   A
#
# COMPACT_ATOMS: atom_id res chain seq x y z
N MET A 1 21.51 -15.09 -5.01
CA MET A 1 20.81 -16.04 -5.87
C MET A 1 19.38 -16.25 -5.39
N ILE A 2 18.42 -15.65 -6.09
CA ILE A 2 17.02 -15.78 -5.73
C ILE A 2 16.26 -16.60 -6.77
N SER A 3 15.19 -17.25 -6.33
CA SER A 3 14.39 -18.08 -7.22
C SER A 3 13.10 -17.37 -7.61
N ASP A 4 12.55 -17.72 -8.77
CA ASP A 4 11.32 -17.10 -9.26
C ASP A 4 10.23 -17.17 -8.19
N GLU A 5 10.19 -18.28 -7.45
CA GLU A 5 9.20 -18.47 -6.41
C GLU A 5 9.34 -17.42 -5.31
N GLN A 6 10.56 -17.28 -4.80
CA GLN A 6 10.84 -16.31 -3.75
C GLN A 6 10.56 -14.89 -4.22
N LEU A 7 10.95 -14.60 -5.46
CA LEU A 7 10.74 -13.28 -6.04
C LEU A 7 9.26 -12.97 -6.16
N ASN A 8 8.50 -13.91 -6.72
CA ASN A 8 7.06 -13.73 -6.88
C ASN A 8 6.38 -13.50 -5.54
N SER A 9 6.67 -14.37 -4.58
CA SER A 9 6.08 -14.25 -3.26
C SER A 9 6.45 -12.92 -2.61
N LEU A 10 7.70 -12.52 -2.76
CA LEU A 10 8.19 -11.26 -2.20
C LEU A 10 7.48 -10.07 -2.84
N ALA A 11 7.19 -10.18 -4.13
CA ALA A 11 6.51 -9.12 -4.85
C ALA A 11 5.07 -8.95 -4.37
N ILE A 12 4.31 -10.04 -4.39
CA ILE A 12 2.93 -10.03 -3.95
C ILE A 12 2.81 -9.59 -2.51
N THR A 13 3.75 -10.05 -1.68
CA THR A 13 3.75 -9.70 -0.26
C THR A 13 3.98 -8.21 -0.05
N PHE A 14 5.04 -7.70 -0.67
CA PHE A 14 5.38 -6.28 -0.56
C PHE A 14 4.23 -5.41 -1.09
N GLY A 15 3.60 -5.87 -2.16
CA GLY A 15 2.51 -5.12 -2.76
C GLY A 15 1.30 -5.03 -1.83
N ILE A 16 0.80 -6.17 -1.39
CA ILE A 16 -0.35 -6.22 -0.50
C ILE A 16 -0.09 -5.43 0.78
N VAL A 17 1.01 -5.77 1.45
CA VAL A 17 1.38 -5.10 2.69
C VAL A 17 1.46 -3.58 2.49
N MET A 18 2.22 -3.15 1.49
CA MET A 18 2.37 -1.73 1.20
C MET A 18 1.01 -1.08 0.96
N MET A 19 0.15 -1.77 0.23
CA MET A 19 -1.19 -1.26 -0.06
C MET A 19 -1.98 -1.05 1.22
N THR A 20 -1.88 -2.00 2.14
CA THR A 20 -2.59 -1.91 3.41
C THR A 20 -2.10 -0.72 4.24
N LEU A 21 -0.78 -0.60 4.35
CA LEU A 21 -0.19 0.50 5.11
C LEU A 21 -0.63 1.85 4.57
N ILE A 22 -0.45 2.04 3.26
CA ILE A 22 -0.83 3.29 2.62
C ILE A 22 -2.34 3.50 2.68
N ASP A 23 -3.09 2.42 2.53
CA ASP A 23 -4.55 2.49 2.57
C ASP A 23 -5.02 3.08 3.89
N ILE A 24 -4.54 2.52 5.00
CA ILE A 24 -4.92 2.99 6.32
C ILE A 24 -4.39 4.41 6.57
N TYR A 25 -3.08 4.58 6.41
CA TYR A 25 -2.46 5.88 6.62
C TYR A 25 -3.17 6.96 5.81
N HIS A 26 -3.62 6.60 4.62
CA HIS A 26 -4.32 7.54 3.75
C HIS A 26 -5.71 7.86 4.30
N ALA A 27 -6.49 6.82 4.59
CA ALA A 27 -7.83 7.01 5.12
C ALA A 27 -7.80 7.83 6.40
N VAL A 28 -6.87 7.50 7.30
CA VAL A 28 -6.75 8.21 8.57
C VAL A 28 -6.31 9.66 8.34
N ASP A 29 -5.26 9.84 7.56
CA ASP A 29 -4.74 11.17 7.27
C ASP A 29 -5.83 12.04 6.62
N SER A 30 -6.63 11.43 5.76
CA SER A 30 -7.69 12.15 5.07
C SER A 30 -8.84 12.47 6.03
N THR A 31 -9.12 11.54 6.94
CA THR A 31 -10.18 11.73 7.91
C THR A 31 -9.81 12.80 8.93
N MET A 32 -8.54 12.85 9.28
CA MET A 32 -8.06 13.84 10.26
C MET A 32 -7.80 15.18 9.58
N SER A 33 -7.26 15.14 8.36
CA SER A 33 -6.96 16.35 7.62
C SER A 33 -7.50 16.26 6.19
N PRO A 34 -8.83 16.27 6.06
CA PRO A 34 -9.50 16.19 4.76
C PRO A 34 -9.30 17.45 3.93
N LYS A 35 -9.92 17.48 2.75
CA LYS A 35 -9.82 18.63 1.86
C LYS A 35 -10.94 18.62 0.83
N ASN A 36 -11.25 19.79 0.29
CA ASN A 36 -12.30 19.91 -0.72
C ASN A 36 -11.72 19.92 -2.13
N ARG A 37 -10.92 18.90 -2.42
CA ARG A 37 -10.29 18.77 -3.73
C ARG A 37 -10.93 17.65 -4.54
N LEU A 38 -11.82 18.02 -5.45
CA LEU A 38 -12.52 17.05 -6.29
C LEU A 38 -13.18 17.72 -7.49
N GLU A 39 -12.92 17.21 -8.68
CA GLU A 39 -13.50 17.76 -9.90
C GLU A 39 -13.45 16.74 -11.03
N MET A 1 22.62 -19.40 -6.13
CA MET A 1 21.80 -20.36 -5.39
C MET A 1 20.48 -19.73 -4.98
N ILE A 2 19.94 -18.87 -5.84
CA ILE A 2 18.67 -18.21 -5.56
C ILE A 2 17.49 -19.07 -5.98
N SER A 3 16.45 -19.07 -5.14
CA SER A 3 15.25 -19.86 -5.43
C SER A 3 14.12 -18.96 -5.93
N ASP A 4 13.40 -19.44 -6.94
CA ASP A 4 12.29 -18.69 -7.51
C ASP A 4 11.12 -18.61 -6.53
N GLU A 5 10.92 -19.68 -5.78
CA GLU A 5 9.83 -19.75 -4.81
C GLU A 5 9.95 -18.60 -3.80
N GLN A 6 11.14 -18.44 -3.23
CA GLN A 6 11.39 -17.40 -2.25
C GLN A 6 11.17 -16.01 -2.87
N LEU A 7 11.78 -15.79 -4.03
CA LEU A 7 11.65 -14.51 -4.72
C LEU A 7 10.20 -14.19 -5.03
N ASN A 8 9.48 -15.19 -5.54
CA ASN A 8 8.06 -15.01 -5.87
C ASN A 8 7.26 -14.61 -4.64
N SER A 9 7.44 -15.35 -3.55
CA SER A 9 6.72 -15.08 -2.31
C SER A 9 7.03 -13.67 -1.81
N LEU A 10 8.30 -13.29 -1.87
CA LEU A 10 8.71 -11.97 -1.44
C LEU A 10 8.11 -10.88 -2.31
N ALA A 11 7.97 -11.17 -3.59
CA ALA A 11 7.39 -10.21 -4.54
C ALA A 11 5.92 -9.97 -4.23
N ILE A 12 5.14 -11.04 -4.17
CA ILE A 12 3.71 -10.94 -3.87
C ILE A 12 3.47 -10.32 -2.50
N THR A 13 4.31 -10.68 -1.54
CA THR A 13 4.19 -10.16 -0.18
C THR A 13 4.40 -8.66 -0.16
N PHE A 14 5.51 -8.20 -0.73
CA PHE A 14 5.84 -6.78 -0.77
C PHE A 14 4.77 -6.00 -1.55
N GLY A 15 4.25 -6.63 -2.59
CA GLY A 15 3.23 -5.98 -3.41
C GLY A 15 1.95 -5.73 -2.64
N ILE A 16 1.40 -6.79 -2.06
CA ILE A 16 0.16 -6.67 -1.29
C ILE A 16 0.34 -5.74 -0.10
N VAL A 17 1.35 -6.01 0.72
CA VAL A 17 1.62 -5.19 1.89
C VAL A 17 1.76 -3.72 1.52
N MET A 18 2.61 -3.44 0.53
CA MET A 18 2.83 -2.06 0.08
C MET A 18 1.51 -1.42 -0.32
N MET A 19 0.75 -2.10 -1.17
CA MET A 19 -0.54 -1.58 -1.62
C MET A 19 -1.44 -1.23 -0.44
N THR A 20 -1.47 -2.11 0.55
CA THR A 20 -2.29 -1.90 1.74
C THR A 20 -1.75 -0.75 2.57
N LEU A 21 -0.43 -0.64 2.66
CA LEU A 21 0.22 0.42 3.42
C LEU A 21 -0.21 1.79 2.92
N ILE A 22 0.02 2.03 1.63
CA ILE A 22 -0.33 3.31 1.01
C ILE A 22 -1.85 3.50 0.98
N ASP A 23 -2.57 2.41 0.73
CA ASP A 23 -4.02 2.45 0.67
C ASP A 23 -4.61 2.92 2.00
N ILE A 24 -4.19 2.26 3.08
CA ILE A 24 -4.67 2.61 4.42
C ILE A 24 -4.24 4.01 4.81
N TYR A 25 -2.96 4.31 4.63
CA TYR A 25 -2.42 5.63 4.96
C TYR A 25 -3.12 6.73 4.16
N HIS A 26 -3.48 6.40 2.92
CA HIS A 26 -4.16 7.36 2.05
C HIS A 26 -5.57 7.65 2.56
N ALA A 27 -6.35 6.58 2.77
CA ALA A 27 -7.71 6.71 3.26
C ALA A 27 -7.75 7.49 4.57
N VAL A 28 -6.87 7.13 5.49
CA VAL A 28 -6.81 7.80 6.80
C VAL A 28 -6.39 9.26 6.65
N ASP A 29 -5.33 9.49 5.89
CA ASP A 29 -4.82 10.84 5.66
C ASP A 29 -5.89 11.71 5.01
N SER A 30 -6.61 11.14 4.04
CA SER A 30 -7.65 11.88 3.34
C SER A 30 -8.85 12.14 4.26
N THR A 31 -9.15 11.17 5.11
CA THR A 31 -10.26 11.30 6.05
C THR A 31 -9.98 12.36 7.11
N MET A 32 -8.71 12.45 7.52
CA MET A 32 -8.31 13.43 8.52
C MET A 32 -8.09 14.81 7.89
N SER A 33 -7.50 14.81 6.70
CA SER A 33 -7.24 16.05 5.98
C SER A 33 -7.73 15.98 4.54
N PRO A 34 -9.05 15.93 4.37
CA PRO A 34 -9.68 15.86 3.04
C PRO A 34 -9.52 17.15 2.25
N LYS A 35 -10.21 17.23 1.12
CA LYS A 35 -10.15 18.42 0.27
C LYS A 35 -11.22 19.43 0.67
N ASN A 36 -10.84 20.71 0.68
CA ASN A 36 -11.77 21.77 1.04
C ASN A 36 -11.89 22.79 -0.08
N ARG A 37 -12.98 22.69 -0.85
CA ARG A 37 -13.22 23.61 -1.96
C ARG A 37 -14.67 24.10 -1.96
N LEU A 38 -15.16 24.42 -0.77
CA LEU A 38 -16.53 24.91 -0.64
C LEU A 38 -16.61 26.04 0.39
N GLU A 39 -17.20 27.15 -0.01
CA GLU A 39 -17.34 28.31 0.87
C GLU A 39 -18.40 28.05 1.94
N MET A 1 22.18 -17.19 -4.88
CA MET A 1 21.47 -18.45 -5.01
C MET A 1 20.04 -18.32 -4.51
N ILE A 2 19.31 -17.34 -5.03
CA ILE A 2 17.93 -17.10 -4.63
C ILE A 2 16.98 -17.99 -5.43
N SER A 3 15.94 -18.48 -4.75
CA SER A 3 14.95 -19.34 -5.39
C SER A 3 13.78 -18.52 -5.92
N ASP A 4 13.33 -18.87 -7.12
CA ASP A 4 12.21 -18.17 -7.74
C ASP A 4 10.98 -18.18 -6.83
N GLU A 5 10.79 -19.28 -6.11
CA GLU A 5 9.66 -19.41 -5.20
C GLU A 5 9.71 -18.35 -4.12
N GLN A 6 10.86 -18.23 -3.47
CA GLN A 6 11.04 -17.25 -2.39
C GLN A 6 10.93 -15.83 -2.95
N LEU A 7 11.70 -15.54 -3.98
CA LEU A 7 11.70 -14.22 -4.60
C LEU A 7 10.28 -13.81 -5.01
N ASN A 8 9.58 -14.72 -5.70
CA ASN A 8 8.22 -14.47 -6.15
C ASN A 8 7.31 -14.17 -4.96
N SER A 9 7.36 -15.04 -3.96
CA SER A 9 6.52 -14.89 -2.77
C SER A 9 6.80 -13.55 -2.09
N LEU A 10 8.08 -13.20 -2.01
CA LEU A 10 8.49 -11.94 -1.38
C LEU A 10 7.99 -10.74 -2.16
N ALA A 11 7.99 -10.87 -3.48
CA ALA A 11 7.52 -9.79 -4.36
C ALA A 11 6.03 -9.55 -4.17
N ILE A 12 5.23 -10.60 -4.32
CA ILE A 12 3.79 -10.49 -4.16
C ILE A 12 3.42 -10.01 -2.76
N THR A 13 4.12 -10.53 -1.76
CA THR A 13 3.87 -10.15 -0.38
C THR A 13 4.10 -8.66 -0.15
N PHE A 14 5.27 -8.19 -0.56
CA PHE A 14 5.61 -6.78 -0.42
C PHE A 14 4.66 -5.89 -1.22
N GLY A 15 4.19 -6.40 -2.35
CA GLY A 15 3.26 -5.65 -3.17
C GLY A 15 1.93 -5.41 -2.49
N ILE A 16 1.30 -6.48 -2.04
CA ILE A 16 0.01 -6.38 -1.36
C ILE A 16 0.13 -5.59 -0.06
N VAL A 17 1.24 -5.79 0.65
CA VAL A 17 1.48 -5.10 1.92
C VAL A 17 1.72 -3.61 1.68
N MET A 18 2.54 -3.30 0.68
CA MET A 18 2.85 -1.91 0.36
C MET A 18 1.62 -1.20 -0.22
N MET A 19 0.89 -1.89 -1.08
CA MET A 19 -0.30 -1.33 -1.70
C MET A 19 -1.38 -1.08 -0.65
N THR A 20 -1.53 -2.02 0.28
CA THR A 20 -2.53 -1.89 1.33
C THR A 20 -2.18 -0.77 2.30
N LEU A 21 -0.92 -0.74 2.72
CA LEU A 21 -0.46 0.29 3.66
C LEU A 21 -0.62 1.68 3.05
N ILE A 22 -0.15 1.84 1.82
CA ILE A 22 -0.25 3.13 1.13
C ILE A 22 -1.70 3.49 0.83
N ASP A 23 -2.50 2.47 0.51
CA ASP A 23 -3.90 2.67 0.20
C ASP A 23 -4.64 3.27 1.39
N ILE A 24 -4.50 2.63 2.55
CA ILE A 24 -5.15 3.11 3.77
C ILE A 24 -4.60 4.46 4.20
N TYR A 25 -3.27 4.56 4.25
CA TYR A 25 -2.62 5.80 4.65
C TYR A 25 -3.02 6.95 3.73
N HIS A 26 -3.18 6.65 2.45
CA HIS A 26 -3.56 7.65 1.46
C HIS A 26 -5.00 8.10 1.69
N ALA A 27 -5.91 7.14 1.80
CA ALA A 27 -7.31 7.45 2.02
C ALA A 27 -7.51 8.27 3.28
N VAL A 28 -6.89 7.83 4.37
CA VAL A 28 -7.00 8.53 5.65
C VAL A 28 -6.41 9.94 5.55
N ASP A 29 -5.21 10.04 5.00
CA ASP A 29 -4.54 11.32 4.85
C ASP A 29 -5.35 12.26 3.97
N SER A 30 -6.00 11.70 2.96
CA SER A 30 -6.81 12.48 2.02
C SER A 30 -8.09 12.96 2.70
N THR A 31 -8.65 12.10 3.56
CA THR A 31 -9.89 12.43 4.27
C THR A 31 -9.62 13.41 5.40
N MET A 32 -8.46 13.26 6.05
CA MET A 32 -8.09 14.13 7.16
C MET A 32 -7.63 15.49 6.65
N SER A 33 -6.90 15.49 5.54
CA SER A 33 -6.40 16.73 4.95
C SER A 33 -6.60 16.73 3.43
N PRO A 34 -7.87 16.80 3.01
CA PRO A 34 -8.22 16.81 1.58
C PRO A 34 -7.82 18.11 0.89
N LYS A 35 -8.26 18.28 -0.34
CA LYS A 35 -7.95 19.48 -1.11
C LYS A 35 -9.21 20.24 -1.47
N ASN A 36 -10.26 19.51 -1.83
CA ASN A 36 -11.53 20.12 -2.21
C ASN A 36 -12.30 20.55 -0.97
N ARG A 37 -13.02 21.66 -1.07
CA ARG A 37 -13.82 22.17 0.04
C ARG A 37 -15.25 21.65 -0.03
N LEU A 38 -15.93 21.69 1.11
CA LEU A 38 -17.31 21.22 1.20
C LEU A 38 -18.23 22.30 1.76
N GLU A 39 -19.53 22.03 1.76
CA GLU A 39 -20.50 22.98 2.27
C GLU A 39 -21.39 22.33 3.33
N MET A 1 20.19 -16.22 -8.70
CA MET A 1 20.39 -16.77 -7.36
C MET A 1 19.06 -17.05 -6.69
N ILE A 2 18.27 -16.00 -6.46
CA ILE A 2 16.97 -16.13 -5.82
C ILE A 2 16.00 -16.89 -6.71
N SER A 3 15.13 -17.69 -6.09
CA SER A 3 14.15 -18.46 -6.84
C SER A 3 12.97 -17.60 -7.26
N ASP A 4 12.39 -17.91 -8.41
CA ASP A 4 11.24 -17.16 -8.92
C ASP A 4 10.07 -17.23 -7.95
N GLU A 5 9.89 -18.38 -7.32
CA GLU A 5 8.80 -18.58 -6.36
C GLU A 5 8.93 -17.59 -5.20
N GLN A 6 10.09 -17.60 -4.55
CA GLN A 6 10.33 -16.71 -3.42
C GLN A 6 10.29 -15.25 -3.84
N LEU A 7 10.96 -14.95 -4.95
CA LEU A 7 10.99 -13.58 -5.47
C LEU A 7 9.59 -13.07 -5.76
N ASN A 8 8.82 -13.84 -6.53
CA ASN A 8 7.45 -13.47 -6.88
C ASN A 8 6.61 -13.28 -5.63
N SER A 9 6.65 -14.27 -4.74
CA SER A 9 5.88 -14.22 -3.50
C SER A 9 6.25 -12.98 -2.69
N LEU A 10 7.54 -12.69 -2.60
CA LEU A 10 8.03 -11.53 -1.85
C LEU A 10 7.55 -10.24 -2.50
N ALA A 11 7.51 -10.23 -3.82
CA ALA A 11 7.06 -9.05 -4.56
C ALA A 11 5.60 -8.74 -4.28
N ILE A 12 4.73 -9.73 -4.49
CA ILE A 12 3.31 -9.55 -4.26
C ILE A 12 3.03 -9.23 -2.79
N THR A 13 3.76 -9.88 -1.89
CA THR A 13 3.59 -9.65 -0.47
C THR A 13 3.90 -8.21 -0.09
N PHE A 14 5.06 -7.72 -0.51
CA PHE A 14 5.46 -6.36 -0.21
C PHE A 14 4.49 -5.36 -0.83
N GLY A 15 4.04 -5.65 -2.05
CA GLY A 15 3.12 -4.77 -2.73
C GLY A 15 1.82 -4.59 -1.96
N ILE A 16 1.19 -5.71 -1.61
CA ILE A 16 -0.07 -5.67 -0.88
C ILE A 16 0.10 -4.98 0.47
N VAL A 17 1.10 -5.41 1.23
CA VAL A 17 1.38 -4.82 2.54
C VAL A 17 1.47 -3.31 2.44
N MET A 18 2.31 -2.83 1.55
CA MET A 18 2.50 -1.39 1.36
C MET A 18 1.18 -0.71 1.00
N MET A 19 0.51 -1.25 -0.01
CA MET A 19 -0.77 -0.69 -0.45
C MET A 19 -1.77 -0.64 0.71
N THR A 20 -1.63 -1.57 1.65
CA THR A 20 -2.53 -1.63 2.79
C THR A 20 -2.22 -0.50 3.78
N LEU A 21 -0.98 -0.44 4.25
CA LEU A 21 -0.57 0.60 5.19
C LEU A 21 -0.71 1.98 4.57
N ILE A 22 -0.47 2.07 3.27
CA ILE A 22 -0.57 3.34 2.56
C ILE A 22 -2.03 3.76 2.40
N ASP A 23 -2.87 2.82 2.00
CA ASP A 23 -4.29 3.08 1.81
C ASP A 23 -4.94 3.50 3.11
N ILE A 24 -4.56 2.85 4.20
CA ILE A 24 -5.12 3.15 5.51
C ILE A 24 -4.62 4.51 6.01
N TYR A 25 -3.31 4.70 6.02
CA TYR A 25 -2.71 5.95 6.47
C TYR A 25 -3.20 7.12 5.63
N HIS A 26 -3.29 6.90 4.32
CA HIS A 26 -3.75 7.94 3.40
C HIS A 26 -5.24 8.21 3.58
N ALA A 27 -6.00 7.14 3.81
CA ALA A 27 -7.44 7.27 3.99
C ALA A 27 -7.76 8.11 5.23
N VAL A 28 -7.11 7.78 6.35
CA VAL A 28 -7.33 8.50 7.59
C VAL A 28 -6.72 9.89 7.53
N ASP A 29 -5.59 10.01 6.85
CA ASP A 29 -4.90 11.29 6.72
C ASP A 29 -5.72 12.27 5.90
N SER A 30 -6.28 11.79 4.79
CA SER A 30 -7.09 12.62 3.91
C SER A 30 -8.45 12.91 4.54
N THR A 31 -9.04 11.89 5.16
CA THR A 31 -10.34 12.03 5.81
C THR A 31 -10.26 12.96 7.01
N MET A 32 -9.13 12.89 7.73
CA MET A 32 -8.93 13.73 8.90
C MET A 32 -8.46 15.12 8.51
N SER A 33 -7.59 15.18 7.50
CA SER A 33 -7.06 16.46 7.03
C SER A 33 -7.18 16.57 5.52
N PRO A 34 -8.42 16.67 5.02
CA PRO A 34 -8.69 16.79 3.58
C PRO A 34 -8.25 18.13 3.02
N LYS A 35 -7.28 18.09 2.10
CA LYS A 35 -6.77 19.29 1.48
C LYS A 35 -7.59 19.67 0.25
N ASN A 36 -7.95 18.67 -0.55
CA ASN A 36 -8.74 18.90 -1.75
C ASN A 36 -10.23 18.82 -1.44
N ARG A 37 -11.05 19.12 -2.44
CA ARG A 37 -12.50 19.10 -2.27
C ARG A 37 -13.19 18.73 -3.58
N LEU A 38 -14.43 18.28 -3.49
CA LEU A 38 -15.20 17.90 -4.67
C LEU A 38 -14.48 16.84 -5.48
N GLU A 39 -14.43 15.62 -4.96
CA GLU A 39 -13.76 14.52 -5.64
C GLU A 39 -14.77 13.45 -6.06
N MET A 1 21.66 -17.98 -6.25
CA MET A 1 21.70 -17.35 -4.93
C MET A 1 20.30 -17.26 -4.34
N ILE A 2 19.34 -16.81 -5.14
CA ILE A 2 17.96 -16.68 -4.68
C ILE A 2 17.06 -17.69 -5.38
N SER A 3 16.08 -18.21 -4.64
CA SER A 3 15.15 -19.19 -5.18
C SER A 3 13.93 -18.51 -5.78
N ASP A 4 13.41 -19.08 -6.87
CA ASP A 4 12.25 -18.53 -7.54
C ASP A 4 11.02 -18.55 -6.63
N GLU A 5 10.92 -19.59 -5.81
CA GLU A 5 9.81 -19.73 -4.89
C GLU A 5 9.82 -18.63 -3.85
N GLN A 6 10.94 -18.49 -3.14
CA GLN A 6 11.07 -17.47 -2.11
C GLN A 6 11.06 -16.07 -2.73
N LEU A 7 11.66 -15.94 -3.90
CA LEU A 7 11.71 -14.65 -4.59
C LEU A 7 10.32 -14.22 -5.04
N ASN A 8 9.64 -15.11 -5.76
CA ASN A 8 8.30 -14.82 -6.25
C ASN A 8 7.35 -14.51 -5.10
N SER A 9 7.34 -15.39 -4.10
CA SER A 9 6.47 -15.21 -2.94
C SER A 9 6.80 -13.91 -2.21
N LEU A 10 8.09 -13.61 -2.09
CA LEU A 10 8.53 -12.39 -1.41
C LEU A 10 8.08 -11.15 -2.19
N ALA A 11 8.08 -11.26 -3.52
CA ALA A 11 7.67 -10.14 -4.37
C ALA A 11 6.18 -9.86 -4.24
N ILE A 12 5.37 -10.90 -4.43
CA ILE A 12 3.92 -10.76 -4.32
C ILE A 12 3.51 -10.29 -2.92
N THR A 13 4.19 -10.81 -1.91
CA THR A 13 3.90 -10.45 -0.53
C THR A 13 4.20 -8.99 -0.27
N PHE A 14 5.40 -8.55 -0.63
CA PHE A 14 5.82 -7.17 -0.44
C PHE A 14 4.90 -6.22 -1.23
N GLY A 15 4.47 -6.66 -2.40
CA GLY A 15 3.60 -5.85 -3.23
C GLY A 15 2.24 -5.63 -2.60
N ILE A 16 1.55 -6.72 -2.27
CA ILE A 16 0.23 -6.64 -1.67
C ILE A 16 0.28 -5.87 -0.35
N VAL A 17 1.20 -6.26 0.53
CA VAL A 17 1.35 -5.61 1.82
C VAL A 17 1.61 -4.12 1.66
N MET A 18 2.59 -3.78 0.81
CA MET A 18 2.93 -2.39 0.56
C MET A 18 1.71 -1.59 0.14
N MET A 19 0.98 -2.10 -0.85
CA MET A 19 -0.21 -1.44 -1.34
C MET A 19 -1.24 -1.26 -0.24
N THR A 20 -1.36 -2.27 0.61
CA THR A 20 -2.31 -2.23 1.73
C THR A 20 -1.95 -1.11 2.71
N LEU A 21 -0.68 -1.05 3.10
CA LEU A 21 -0.21 -0.04 4.03
C LEU A 21 -0.44 1.37 3.46
N ILE A 22 0.04 1.59 2.25
CA ILE A 22 -0.12 2.89 1.61
C ILE A 22 -1.58 3.23 1.39
N ASP A 23 -2.37 2.21 1.04
CA ASP A 23 -3.80 2.40 0.81
C ASP A 23 -4.49 2.93 2.06
N ILE A 24 -4.28 2.24 3.18
CA ILE A 24 -4.87 2.64 4.45
C ILE A 24 -4.40 4.02 4.88
N TYR A 25 -3.08 4.18 4.97
CA TYR A 25 -2.50 5.45 5.37
C TYR A 25 -3.01 6.59 4.47
N HIS A 26 -3.13 6.30 3.19
CA HIS A 26 -3.61 7.30 2.22
C HIS A 26 -5.05 7.70 2.52
N ALA A 27 -5.91 6.71 2.67
CA ALA A 27 -7.32 6.95 2.95
C ALA A 27 -7.48 7.75 4.24
N VAL A 28 -6.83 7.30 5.31
CA VAL A 28 -6.91 7.97 6.59
C VAL A 28 -6.41 9.41 6.48
N ASP A 29 -5.30 9.60 5.78
CA ASP A 29 -4.72 10.92 5.60
C ASP A 29 -5.65 11.82 4.80
N SER A 30 -6.31 11.24 3.79
CA SER A 30 -7.23 11.99 2.95
C SER A 30 -8.50 12.35 3.71
N THR A 31 -8.94 11.45 4.58
CA THR A 31 -10.15 11.68 5.36
C THR A 31 -9.87 12.63 6.53
N MET A 32 -8.68 12.53 7.09
CA MET A 32 -8.29 13.38 8.21
C MET A 32 -7.94 14.79 7.72
N SER A 33 -7.28 14.87 6.57
CA SER A 33 -6.89 16.15 6.00
C SER A 33 -7.17 16.19 4.50
N PRO A 34 -8.47 16.20 4.14
CA PRO A 34 -8.90 16.23 2.74
C PRO A 34 -8.61 17.57 2.08
N LYS A 35 -9.05 17.71 0.83
CA LYS A 35 -8.84 18.95 0.08
C LYS A 35 -9.90 19.98 0.44
N ASN A 36 -9.49 21.24 0.54
CA ASN A 36 -10.41 22.32 0.88
C ASN A 36 -11.29 22.67 -0.33
N ARG A 37 -12.58 22.37 -0.21
CA ARG A 37 -13.53 22.64 -1.29
C ARG A 37 -14.91 22.94 -0.73
N LEU A 38 -15.47 24.08 -1.11
CA LEU A 38 -16.79 24.48 -0.65
C LEU A 38 -17.73 24.73 -1.82
N GLU A 39 -19.03 24.58 -1.57
CA GLU A 39 -20.03 24.79 -2.61
C GLU A 39 -20.46 26.25 -2.67
N MET A 1 20.15 -14.04 -10.46
CA MET A 1 20.09 -15.35 -9.81
C MET A 1 19.03 -15.38 -8.73
N ILE A 2 17.87 -14.79 -9.02
CA ILE A 2 16.77 -14.74 -8.07
C ILE A 2 15.85 -15.94 -8.25
N SER A 3 15.30 -16.42 -7.14
CA SER A 3 14.39 -17.56 -7.17
C SER A 3 12.94 -17.11 -7.40
N ASP A 4 12.20 -17.91 -8.15
CA ASP A 4 10.80 -17.60 -8.44
C ASP A 4 9.97 -17.58 -7.17
N GLU A 5 10.29 -18.48 -6.24
CA GLU A 5 9.57 -18.57 -4.98
C GLU A 5 9.76 -17.30 -4.15
N GLN A 6 11.01 -16.92 -3.94
CA GLN A 6 11.33 -15.72 -3.16
C GLN A 6 10.78 -14.47 -3.84
N LEU A 7 10.98 -14.38 -5.16
CA LEU A 7 10.50 -13.24 -5.92
C LEU A 7 8.98 -13.10 -5.80
N ASN A 8 8.28 -14.19 -6.03
CA ASN A 8 6.81 -14.20 -5.95
C ASN A 8 6.35 -13.77 -4.56
N SER A 9 6.92 -14.40 -3.53
CA SER A 9 6.56 -14.10 -2.16
C SER A 9 6.80 -12.62 -1.85
N LEU A 10 7.94 -12.11 -2.29
CA LEU A 10 8.29 -10.71 -2.07
C LEU A 10 7.31 -9.78 -2.80
N ALA A 11 6.87 -10.20 -3.97
CA ALA A 11 5.94 -9.41 -4.77
C ALA A 11 4.59 -9.29 -4.06
N ILE A 12 4.01 -10.43 -3.70
CA ILE A 12 2.71 -10.44 -3.02
C ILE A 12 2.80 -9.73 -1.68
N THR A 13 3.91 -9.92 -0.98
CA THR A 13 4.11 -9.29 0.32
C THR A 13 4.11 -7.76 0.20
N PHE A 14 4.93 -7.25 -0.71
CA PHE A 14 5.03 -5.81 -0.91
C PHE A 14 3.68 -5.23 -1.35
N GLY A 15 3.01 -5.94 -2.25
CA GLY A 15 1.72 -5.48 -2.74
C GLY A 15 0.70 -5.33 -1.62
N ILE A 16 0.50 -6.40 -0.86
CA ILE A 16 -0.45 -6.37 0.24
C ILE A 16 -0.11 -5.28 1.25
N VAL A 17 1.14 -5.29 1.72
CA VAL A 17 1.61 -4.30 2.68
C VAL A 17 1.36 -2.89 2.18
N MET A 18 1.56 -2.68 0.88
CA MET A 18 1.35 -1.38 0.27
C MET A 18 -0.13 -1.02 0.23
N MET A 19 -0.96 -2.02 -0.02
CA MET A 19 -2.41 -1.80 -0.08
C MET A 19 -2.97 -1.44 1.28
N THR A 20 -2.47 -2.12 2.32
CA THR A 20 -2.92 -1.87 3.69
C THR A 20 -2.35 -0.56 4.22
N LEU A 21 -1.12 -0.24 3.82
CA LEU A 21 -0.47 0.98 4.25
C LEU A 21 -1.16 2.21 3.68
N ILE A 22 -1.43 2.17 2.38
CA ILE A 22 -2.10 3.27 1.70
C ILE A 22 -3.56 3.37 2.10
N ASP A 23 -4.22 2.22 2.21
CA ASP A 23 -5.63 2.17 2.59
C ASP A 23 -5.83 2.78 3.98
N ILE A 24 -5.05 2.30 4.95
CA ILE A 24 -5.15 2.79 6.31
C ILE A 24 -4.72 4.25 6.40
N TYR A 25 -3.56 4.56 5.86
CA TYR A 25 -3.04 5.92 5.87
C TYR A 25 -4.03 6.89 5.23
N HIS A 26 -4.62 6.47 4.12
CA HIS A 26 -5.59 7.29 3.41
C HIS A 26 -6.82 7.55 4.26
N ALA A 27 -7.42 6.47 4.77
CA ALA A 27 -8.60 6.58 5.61
C ALA A 27 -8.34 7.42 6.84
N VAL A 28 -7.27 7.07 7.57
CA VAL A 28 -6.90 7.81 8.78
C VAL A 28 -6.61 9.26 8.47
N ASP A 29 -6.03 9.52 7.30
CA ASP A 29 -5.70 10.88 6.89
C ASP A 29 -6.96 11.64 6.49
N SER A 30 -7.93 10.93 5.91
CA SER A 30 -9.18 11.54 5.48
C SER A 30 -10.06 11.87 6.68
N THR A 31 -10.03 11.01 7.68
CA THR A 31 -10.83 11.21 8.89
C THR A 31 -10.19 12.24 9.81
N MET A 32 -8.85 12.25 9.85
CA MET A 32 -8.13 13.19 10.69
C MET A 32 -8.05 14.56 10.04
N SER A 33 -8.01 14.57 8.70
CA SER A 33 -7.94 15.83 7.95
C SER A 33 -8.79 15.76 6.69
N PRO A 34 -10.12 15.69 6.87
CA PRO A 34 -11.07 15.61 5.76
C PRO A 34 -11.14 16.91 4.98
N LYS A 35 -10.75 16.85 3.70
CA LYS A 35 -10.78 18.03 2.84
C LYS A 35 -10.88 17.62 1.37
N ASN A 36 -11.54 18.45 0.58
CA ASN A 36 -11.72 18.18 -0.85
C ASN A 36 -10.39 18.35 -1.59
N ARG A 37 -10.30 17.75 -2.78
CA ARG A 37 -9.09 17.84 -3.59
C ARG A 37 -9.44 18.14 -5.04
N LEU A 38 -8.52 18.81 -5.73
CA LEU A 38 -8.73 19.17 -7.14
C LEU A 38 -7.90 18.27 -8.05
N GLU A 39 -6.58 18.34 -7.89
CA GLU A 39 -5.67 17.54 -8.70
C GLU A 39 -5.67 16.08 -8.23
N MET A 1 20.21 -13.90 -9.85
CA MET A 1 20.04 -14.94 -8.83
C MET A 1 18.66 -14.84 -8.19
N ILE A 2 17.64 -14.55 -9.00
CA ILE A 2 16.28 -14.43 -8.51
C ILE A 2 15.51 -15.73 -8.71
N SER A 3 14.76 -16.12 -7.68
CA SER A 3 13.96 -17.34 -7.74
C SER A 3 12.49 -17.03 -7.93
N ASP A 4 11.75 -18.00 -8.46
CA ASP A 4 10.31 -17.83 -8.70
C ASP A 4 9.55 -17.79 -7.38
N GLU A 5 10.01 -18.59 -6.42
CA GLU A 5 9.36 -18.66 -5.11
C GLU A 5 9.55 -17.35 -4.34
N GLN A 6 10.80 -16.93 -4.22
CA GLN A 6 11.12 -15.70 -3.50
C GLN A 6 10.52 -14.49 -4.21
N LEU A 7 10.44 -14.56 -5.53
CA LEU A 7 9.89 -13.47 -6.33
C LEU A 7 8.39 -13.32 -6.08
N ASN A 8 7.65 -14.41 -6.22
CA ASN A 8 6.21 -14.41 -6.01
C ASN A 8 5.88 -13.99 -4.58
N SER A 9 6.61 -14.56 -3.62
CA SER A 9 6.39 -14.26 -2.21
C SER A 9 6.60 -12.77 -1.93
N LEU A 10 7.71 -12.23 -2.44
CA LEU A 10 8.04 -10.82 -2.26
C LEU A 10 7.00 -9.93 -2.94
N ALA A 11 6.49 -10.39 -4.07
CA ALA A 11 5.48 -9.64 -4.82
C ALA A 11 4.20 -9.49 -4.03
N ILE A 12 3.65 -10.61 -3.58
CA ILE A 12 2.42 -10.61 -2.80
C ILE A 12 2.61 -9.89 -1.47
N THR A 13 3.79 -10.06 -0.87
CA THR A 13 4.10 -9.42 0.40
C THR A 13 4.12 -7.91 0.27
N PHE A 14 4.87 -7.40 -0.70
CA PHE A 14 4.96 -5.97 -0.93
C PHE A 14 3.62 -5.39 -1.35
N GLY A 15 2.87 -6.17 -2.13
CA GLY A 15 1.57 -5.71 -2.59
C GLY A 15 0.59 -5.52 -1.46
N ILE A 16 0.48 -6.51 -0.58
CA ILE A 16 -0.43 -6.44 0.55
C ILE A 16 0.01 -5.37 1.54
N VAL A 17 1.26 -5.47 1.98
CA VAL A 17 1.81 -4.51 2.94
C VAL A 17 1.62 -3.08 2.44
N MET A 18 2.07 -2.82 1.22
CA MET A 18 1.95 -1.49 0.63
C MET A 18 0.49 -1.08 0.51
N MET A 19 -0.32 -1.97 -0.06
CA MET A 19 -1.75 -1.69 -0.24
C MET A 19 -2.39 -1.31 1.08
N THR A 20 -2.03 -2.02 2.14
CA THR A 20 -2.58 -1.75 3.47
C THR A 20 -2.13 -0.38 3.99
N LEU A 21 -0.82 -0.16 3.97
CA LEU A 21 -0.26 1.10 4.44
C LEU A 21 -0.92 2.28 3.74
N ILE A 22 -0.96 2.24 2.42
CA ILE A 22 -1.57 3.31 1.63
C ILE A 22 -3.07 3.41 1.92
N ASP A 23 -3.72 2.27 2.03
CA ASP A 23 -5.16 2.24 2.32
C ASP A 23 -5.47 2.92 3.64
N ILE A 24 -4.75 2.53 4.69
CA ILE A 24 -4.96 3.10 6.01
C ILE A 24 -4.66 4.60 6.01
N TYR A 25 -3.46 4.96 5.58
CA TYR A 25 -3.06 6.36 5.52
C TYR A 25 -4.05 7.18 4.71
N HIS A 26 -4.39 6.69 3.53
CA HIS A 26 -5.34 7.38 2.65
C HIS A 26 -6.66 7.63 3.37
N ALA A 27 -7.22 6.57 3.97
CA ALA A 27 -8.48 6.68 4.69
C ALA A 27 -8.38 7.70 5.82
N VAL A 28 -7.36 7.55 6.65
CA VAL A 28 -7.16 8.45 7.78
C VAL A 28 -7.03 9.90 7.31
N ASP A 29 -6.41 10.09 6.15
CA ASP A 29 -6.23 11.42 5.58
C ASP A 29 -7.57 11.97 5.07
N SER A 30 -8.38 11.10 4.50
CA SER A 30 -9.68 11.49 3.96
C SER A 30 -10.63 11.90 5.08
N THR A 31 -10.58 11.16 6.19
CA THR A 31 -11.43 11.45 7.34
C THR A 31 -10.91 12.64 8.13
N MET A 32 -9.59 12.76 8.21
CA MET A 32 -8.96 13.85 8.94
C MET A 32 -9.08 15.17 8.17
N SER A 33 -8.94 15.08 6.85
CA SER A 33 -9.02 16.26 5.99
C SER A 33 -9.82 15.97 4.73
N PRO A 34 -11.13 15.74 4.91
CA PRO A 34 -12.04 15.44 3.80
C PRO A 34 -12.26 16.64 2.89
N LYS A 35 -12.71 16.38 1.66
CA LYS A 35 -12.96 17.45 0.70
C LYS A 35 -11.74 18.35 0.56
N ASN A 36 -10.59 17.75 0.29
CA ASN A 36 -9.35 18.51 0.12
C ASN A 36 -8.47 17.88 -0.96
N ARG A 37 -7.69 18.72 -1.62
CA ARG A 37 -6.79 18.25 -2.67
C ARG A 37 -5.73 17.30 -2.11
N LEU A 38 -5.42 16.26 -2.87
CA LEU A 38 -4.43 15.27 -2.46
C LEU A 38 -3.46 14.95 -3.59
N GLU A 39 -2.22 14.66 -3.23
CA GLU A 39 -1.20 14.34 -4.23
C GLU A 39 -1.04 12.82 -4.36
N MET A 1 19.48 -15.43 -10.30
CA MET A 1 19.97 -15.37 -8.93
C MET A 1 18.84 -15.57 -7.93
N ILE A 2 17.73 -14.87 -8.14
CA ILE A 2 16.57 -14.97 -7.26
C ILE A 2 15.61 -16.05 -7.75
N SER A 3 14.91 -16.68 -6.80
CA SER A 3 13.96 -17.73 -7.13
C SER A 3 12.59 -17.15 -7.45
N ASP A 4 11.87 -17.79 -8.36
CA ASP A 4 10.55 -17.34 -8.76
C ASP A 4 9.58 -17.41 -7.58
N GLU A 5 9.75 -18.43 -6.74
CA GLU A 5 8.89 -18.60 -5.57
C GLU A 5 9.05 -17.44 -4.59
N GLN A 6 10.29 -17.20 -4.18
CA GLN A 6 10.58 -16.12 -3.24
C GLN A 6 10.33 -14.76 -3.88
N LEU A 7 10.62 -14.65 -5.17
CA LEU A 7 10.42 -13.41 -5.90
C LEU A 7 8.94 -13.08 -6.01
N ASN A 8 8.16 -14.03 -6.52
CA ASN A 8 6.73 -13.84 -6.69
C ASN A 8 6.06 -13.57 -5.34
N SER A 9 6.35 -14.41 -4.36
CA SER A 9 5.77 -14.26 -3.03
C SER A 9 6.12 -12.91 -2.43
N LEU A 10 7.38 -12.52 -2.59
CA LEU A 10 7.86 -11.24 -2.06
C LEU A 10 7.18 -10.07 -2.76
N ALA A 11 6.91 -10.24 -4.04
CA ALA A 11 6.25 -9.20 -4.84
C ALA A 11 4.81 -8.97 -4.35
N ILE A 12 4.04 -10.05 -4.32
CA ILE A 12 2.65 -9.98 -3.87
C ILE A 12 2.55 -9.49 -2.43
N THR A 13 3.48 -9.94 -1.60
CA THR A 13 3.52 -9.56 -0.19
C THR A 13 3.74 -8.06 -0.04
N PHE A 14 4.78 -7.55 -0.68
CA PHE A 14 5.10 -6.14 -0.61
C PHE A 14 3.98 -5.29 -1.21
N GLY A 15 3.36 -5.81 -2.26
CA GLY A 15 2.27 -5.09 -2.90
C GLY A 15 1.08 -4.91 -1.99
N ILE A 16 0.58 -6.01 -1.44
CA ILE A 16 -0.56 -5.97 -0.54
C ILE A 16 -0.26 -5.16 0.71
N VAL A 17 0.81 -5.52 1.40
CA VAL A 17 1.22 -4.82 2.61
C VAL A 17 1.32 -3.33 2.37
N MET A 18 2.06 -2.95 1.33
CA MET A 18 2.23 -1.54 0.99
C MET A 18 0.89 -0.86 0.78
N MET A 19 0.05 -1.46 -0.06
CA MET A 19 -1.27 -0.91 -0.34
C MET A 19 -2.05 -0.68 0.94
N THR A 20 -1.92 -1.60 1.89
CA THR A 20 -2.61 -1.50 3.17
C THR A 20 -2.13 -0.30 3.97
N LEU A 21 -0.81 -0.22 4.16
CA LEU A 21 -0.22 0.88 4.91
C LEU A 21 -0.67 2.23 4.34
N ILE A 22 -0.51 2.39 3.03
CA ILE A 22 -0.91 3.63 2.37
C ILE A 22 -2.41 3.83 2.42
N ASP A 23 -3.15 2.72 2.42
CA ASP A 23 -4.61 2.77 2.47
C ASP A 23 -5.09 3.35 3.79
N ILE A 24 -4.61 2.77 4.89
CA ILE A 24 -4.99 3.24 6.22
C ILE A 24 -4.49 4.66 6.48
N TYR A 25 -3.28 4.94 6.00
CA TYR A 25 -2.68 6.26 6.18
C TYR A 25 -3.42 7.31 5.35
N HIS A 26 -3.83 6.91 4.15
CA HIS A 26 -4.54 7.81 3.25
C HIS A 26 -5.96 8.09 3.76
N ALA A 27 -6.57 7.08 4.35
CA ALA A 27 -7.91 7.21 4.89
C ALA A 27 -7.93 8.10 6.13
N VAL A 28 -6.99 7.84 7.05
CA VAL A 28 -6.90 8.61 8.28
C VAL A 28 -6.43 10.03 8.00
N ASP A 29 -5.54 10.18 7.02
CA ASP A 29 -5.01 11.48 6.66
C ASP A 29 -6.08 12.33 5.98
N SER A 30 -6.79 11.74 5.03
CA SER A 30 -7.84 12.45 4.30
C SER A 30 -9.02 12.74 5.21
N THR A 31 -9.33 11.82 6.11
CA THR A 31 -10.44 11.99 7.04
C THR A 31 -10.09 13.00 8.12
N MET A 32 -8.83 13.01 8.54
CA MET A 32 -8.37 13.94 9.56
C MET A 32 -8.17 15.33 9.00
N SER A 33 -7.64 15.39 7.78
CA SER A 33 -7.38 16.67 7.11
C SER A 33 -7.88 16.64 5.67
N PRO A 34 -9.21 16.57 5.49
CA PRO A 34 -9.84 16.54 4.17
C PRO A 34 -9.70 17.86 3.43
N LYS A 35 -8.54 18.09 2.83
CA LYS A 35 -8.28 19.31 2.07
C LYS A 35 -8.98 19.28 0.72
N ASN A 36 -8.51 18.43 -0.17
CA ASN A 36 -9.09 18.30 -1.49
C ASN A 36 -9.88 17.00 -1.63
N ARG A 37 -10.66 16.89 -2.70
CA ARG A 37 -11.47 15.71 -2.94
C ARG A 37 -10.83 14.83 -4.00
N LEU A 38 -10.39 15.44 -5.10
CA LEU A 38 -9.76 14.70 -6.19
C LEU A 38 -8.93 15.63 -7.06
N GLU A 39 -7.61 15.55 -6.93
CA GLU A 39 -6.71 16.39 -7.70
C GLU A 39 -6.16 15.63 -8.91
N MET A 1 21.81 -15.77 -6.74
CA MET A 1 21.23 -17.10 -6.80
C MET A 1 19.90 -17.16 -6.07
N ILE A 2 19.00 -16.23 -6.42
CA ILE A 2 17.69 -16.17 -5.79
C ILE A 2 16.81 -17.33 -6.23
N SER A 3 16.01 -17.85 -5.30
CA SER A 3 15.12 -18.97 -5.60
C SER A 3 13.76 -18.47 -6.07
N ASP A 4 13.14 -19.22 -6.98
CA ASP A 4 11.83 -18.85 -7.52
C ASP A 4 10.80 -18.81 -6.41
N GLU A 5 10.90 -19.73 -5.46
CA GLU A 5 9.96 -19.79 -4.34
C GLU A 5 10.07 -18.54 -3.48
N GLN A 6 11.29 -18.25 -3.02
CA GLN A 6 11.53 -17.09 -2.18
C GLN A 6 11.22 -15.80 -2.93
N LEU A 7 11.57 -15.76 -4.20
CA LEU A 7 11.34 -14.58 -5.03
C LEU A 7 9.84 -14.32 -5.17
N ASN A 8 9.10 -15.35 -5.59
CA ASN A 8 7.66 -15.23 -5.76
C ASN A 8 6.98 -14.81 -4.46
N SER A 9 7.30 -15.52 -3.38
CA SER A 9 6.71 -15.22 -2.08
C SER A 9 7.02 -13.78 -1.66
N LEU A 10 8.26 -13.35 -1.89
CA LEU A 10 8.68 -12.01 -1.54
C LEU A 10 7.94 -10.97 -2.37
N ALA A 11 7.67 -11.30 -3.62
CA ALA A 11 6.96 -10.40 -4.53
C ALA A 11 5.52 -10.19 -4.05
N ILE A 12 4.79 -11.29 -3.88
CA ILE A 12 3.41 -11.22 -3.43
C ILE A 12 3.30 -10.56 -2.07
N THR A 13 4.24 -10.87 -1.19
CA THR A 13 4.25 -10.31 0.16
C THR A 13 4.41 -8.79 0.12
N PHE A 14 5.43 -8.33 -0.62
CA PHE A 14 5.69 -6.90 -0.74
C PHE A 14 4.53 -6.19 -1.43
N GLY A 15 3.89 -6.90 -2.36
CA GLY A 15 2.77 -6.32 -3.09
C GLY A 15 1.58 -6.03 -2.19
N ILE A 16 1.10 -7.08 -1.50
CA ILE A 16 -0.04 -6.94 -0.61
C ILE A 16 0.26 -5.96 0.53
N VAL A 17 1.46 -6.08 1.10
CA VAL A 17 1.88 -5.21 2.19
C VAL A 17 1.97 -3.77 1.73
N MET A 18 2.46 -3.57 0.50
CA MET A 18 2.59 -2.22 -0.06
C MET A 18 1.23 -1.59 -0.28
N MET A 19 0.34 -2.32 -0.93
CA MET A 19 -1.01 -1.83 -1.21
C MET A 19 -1.77 -1.56 0.08
N THR A 20 -1.55 -2.41 1.09
CA THR A 20 -2.21 -2.26 2.37
C THR A 20 -1.72 -1.02 3.11
N LEU A 21 -0.41 -0.84 3.16
CA LEU A 21 0.18 0.31 3.83
C LEU A 21 -0.26 1.61 3.17
N ILE A 22 -0.19 1.66 1.85
CA ILE A 22 -0.60 2.84 1.10
C ILE A 22 -2.10 3.08 1.21
N ASP A 23 -2.86 2.00 1.18
CA ASP A 23 -4.32 2.08 1.28
C ASP A 23 -4.73 2.73 2.59
N ILE A 24 -4.20 2.22 3.70
CA ILE A 24 -4.51 2.73 5.02
C ILE A 24 -4.01 4.16 5.18
N TYR A 25 -2.74 4.39 4.87
CA TYR A 25 -2.16 5.71 4.98
C TYR A 25 -2.91 6.72 4.13
N HIS A 26 -3.35 6.29 2.95
CA HIS A 26 -4.09 7.16 2.05
C HIS A 26 -5.48 7.47 2.61
N ALA A 27 -6.17 6.43 3.07
CA ALA A 27 -7.51 6.60 3.64
C ALA A 27 -7.47 7.48 4.89
N VAL A 28 -6.48 7.24 5.75
CA VAL A 28 -6.33 8.01 6.98
C VAL A 28 -5.99 9.47 6.68
N ASP A 29 -5.02 9.67 5.79
CA ASP A 29 -4.61 11.02 5.42
C ASP A 29 -5.73 11.76 4.70
N SER A 30 -6.45 11.03 3.84
CA SER A 30 -7.56 11.63 3.09
C SER A 30 -8.72 11.97 4.01
N THR A 31 -8.94 11.12 5.01
CA THR A 31 -10.02 11.34 5.96
C THR A 31 -9.67 12.43 6.96
N MET A 32 -8.40 12.49 7.34
CA MET A 32 -7.92 13.50 8.29
C MET A 32 -7.77 14.86 7.61
N SER A 33 -7.29 14.85 6.38
CA SER A 33 -7.09 16.08 5.62
C SER A 33 -7.61 15.93 4.20
N PRO A 34 -8.93 15.82 4.05
CA PRO A 34 -9.58 15.67 2.74
C PRO A 34 -9.50 16.94 1.91
N LYS A 35 -10.15 16.92 0.75
CA LYS A 35 -10.15 18.08 -0.14
C LYS A 35 -11.34 18.99 0.16
N ASN A 36 -11.07 20.09 0.85
CA ASN A 36 -12.12 21.05 1.20
C ASN A 36 -12.41 22.00 0.04
N ARG A 37 -13.68 22.14 -0.29
CA ARG A 37 -14.09 23.01 -1.39
C ARG A 37 -14.51 24.38 -0.87
N LEU A 38 -14.25 25.42 -1.65
CA LEU A 38 -14.60 26.77 -1.27
C LEU A 38 -15.98 27.15 -1.81
N GLU A 39 -16.20 26.89 -3.09
CA GLU A 39 -17.47 27.21 -3.74
C GLU A 39 -17.93 26.05 -4.62
N MET A 1 19.56 -14.69 -11.23
CA MET A 1 20.07 -14.85 -9.88
C MET A 1 18.92 -15.03 -8.89
N ILE A 2 17.94 -14.13 -8.97
CA ILE A 2 16.78 -14.18 -8.08
C ILE A 2 15.93 -15.41 -8.36
N SER A 3 15.26 -15.91 -7.33
CA SER A 3 14.41 -17.08 -7.45
C SER A 3 12.96 -16.68 -7.74
N ASP A 4 12.32 -17.40 -8.65
CA ASP A 4 10.93 -17.12 -9.00
C ASP A 4 10.03 -17.23 -7.78
N GLU A 5 10.33 -18.19 -6.90
CA GLU A 5 9.54 -18.39 -5.70
C GLU A 5 9.69 -17.20 -4.74
N GLN A 6 10.93 -16.88 -4.39
CA GLN A 6 11.21 -15.78 -3.49
C GLN A 6 10.70 -14.46 -4.07
N LEU A 7 10.89 -14.28 -5.37
CA LEU A 7 10.45 -13.06 -6.05
C LEU A 7 8.94 -12.92 -5.98
N ASN A 8 8.22 -13.98 -6.33
CA ASN A 8 6.76 -13.96 -6.30
C ASN A 8 6.25 -13.67 -4.89
N SER A 9 6.77 -14.40 -3.91
CA SER A 9 6.36 -14.22 -2.53
C SER A 9 6.62 -12.79 -2.06
N LEU A 10 7.78 -12.25 -2.44
CA LEU A 10 8.16 -10.89 -2.07
C LEU A 10 7.22 -9.88 -2.72
N ALA A 11 6.81 -10.17 -3.95
CA ALA A 11 5.90 -9.28 -4.67
C ALA A 11 4.53 -9.21 -4.00
N ILE A 12 3.93 -10.37 -3.79
CA ILE A 12 2.61 -10.45 -3.16
C ILE A 12 2.65 -9.86 -1.75
N THR A 13 3.73 -10.15 -1.02
CA THR A 13 3.89 -9.65 0.34
C THR A 13 3.94 -8.13 0.36
N PHE A 14 4.80 -7.55 -0.47
CA PHE A 14 4.95 -6.10 -0.54
C PHE A 14 3.65 -5.45 -1.02
N GLY A 15 2.92 -6.15 -1.89
CA GLY A 15 1.68 -5.63 -2.41
C GLY A 15 0.61 -5.49 -1.34
N ILE A 16 0.31 -6.59 -0.66
CA ILE A 16 -0.70 -6.60 0.39
C ILE A 16 -0.30 -5.66 1.52
N VAL A 17 0.97 -5.72 1.93
CA VAL A 17 1.47 -4.88 3.00
C VAL A 17 1.37 -3.40 2.63
N MET A 18 1.91 -3.05 1.46
CA MET A 18 1.88 -1.67 1.00
C MET A 18 0.45 -1.16 0.89
N MET A 19 -0.40 -1.94 0.22
CA MET A 19 -1.80 -1.56 0.05
C MET A 19 -2.47 -1.33 1.39
N THR A 20 -2.20 -2.22 2.35
CA THR A 20 -2.77 -2.11 3.68
C THR A 20 -2.37 -0.81 4.35
N LEU A 21 -1.08 -0.54 4.37
CA LEU A 21 -0.55 0.69 4.99
C LEU A 21 -1.19 1.93 4.36
N ILE A 22 -1.31 1.91 3.03
CA ILE A 22 -1.90 3.03 2.32
C ILE A 22 -3.38 3.18 2.64
N ASP A 23 -4.05 2.04 2.83
CA ASP A 23 -5.47 2.04 3.16
C ASP A 23 -5.73 2.66 4.53
N ILE A 24 -5.01 2.17 5.54
CA ILE A 24 -5.15 2.68 6.89
C ILE A 24 -4.71 4.14 6.99
N TYR A 25 -3.65 4.48 6.27
CA TYR A 25 -3.13 5.83 6.27
C TYR A 25 -4.08 6.78 5.53
N HIS A 26 -4.65 6.29 4.44
CA HIS A 26 -5.59 7.09 3.64
C HIS A 26 -6.86 7.36 4.41
N ALA A 27 -7.35 6.34 5.13
CA ALA A 27 -8.57 6.47 5.91
C ALA A 27 -8.37 7.40 7.10
N VAL A 28 -7.32 7.15 7.86
CA VAL A 28 -7.01 7.97 9.04
C VAL A 28 -6.72 9.41 8.64
N ASP A 29 -6.02 9.58 7.51
CA ASP A 29 -5.68 10.90 7.02
C ASP A 29 -6.91 11.63 6.49
N SER A 30 -7.79 10.88 5.84
CA SER A 30 -9.02 11.45 5.28
C SER A 30 -9.93 11.96 6.39
N THR A 31 -10.11 11.14 7.43
CA THR A 31 -10.96 11.51 8.56
C THR A 31 -10.29 12.57 9.42
N MET A 32 -8.98 12.50 9.54
CA MET A 32 -8.22 13.46 10.34
C MET A 32 -8.18 14.82 9.66
N SER A 33 -8.03 14.80 8.33
CA SER A 33 -7.97 16.04 7.57
C SER A 33 -8.78 15.92 6.28
N PRO A 34 -10.11 15.84 6.42
CA PRO A 34 -11.03 15.72 5.28
C PRO A 34 -11.10 16.99 4.46
N LYS A 35 -10.73 16.90 3.19
CA LYS A 35 -10.75 18.05 2.30
C LYS A 35 -10.75 17.60 0.83
N ASN A 36 -11.35 18.42 -0.02
CA ASN A 36 -11.42 18.11 -1.45
C ASN A 36 -10.13 18.52 -2.16
N ARG A 37 -9.74 17.74 -3.16
CA ARG A 37 -8.53 18.02 -3.93
C ARG A 37 -8.78 17.84 -5.41
N LEU A 38 -8.47 18.88 -6.19
CA LEU A 38 -8.64 18.83 -7.64
C LEU A 38 -7.72 17.81 -8.28
N GLU A 39 -8.28 16.97 -9.14
CA GLU A 39 -7.49 15.93 -9.81
C GLU A 39 -7.25 16.32 -11.27
N MET A 1 19.44 -16.30 -11.85
CA MET A 1 19.95 -16.51 -10.50
C MET A 1 18.85 -16.31 -9.47
N ILE A 2 18.01 -15.31 -9.69
CA ILE A 2 16.91 -15.02 -8.76
C ILE A 2 15.95 -16.20 -8.68
N SER A 3 15.27 -16.32 -7.54
CA SER A 3 14.31 -17.40 -7.33
C SER A 3 12.88 -16.91 -7.49
N ASP A 4 12.06 -17.69 -8.17
CA ASP A 4 10.67 -17.33 -8.40
C ASP A 4 9.88 -17.35 -7.08
N GLU A 5 10.22 -18.29 -6.21
CA GLU A 5 9.55 -18.41 -4.93
C GLU A 5 9.76 -17.16 -4.08
N GLN A 6 11.03 -16.78 -3.89
CA GLN A 6 11.37 -15.60 -3.10
C GLN A 6 10.80 -14.34 -3.74
N LEU A 7 10.94 -14.24 -5.06
CA LEU A 7 10.45 -13.08 -5.80
C LEU A 7 8.93 -12.96 -5.67
N ASN A 8 8.22 -14.06 -5.92
CA ASN A 8 6.77 -14.07 -5.82
C ASN A 8 6.31 -13.67 -4.43
N SER A 9 6.89 -14.29 -3.41
CA SER A 9 6.54 -14.01 -2.03
C SER A 9 6.81 -12.55 -1.69
N LEU A 10 7.94 -12.03 -2.18
CA LEU A 10 8.32 -10.65 -1.93
C LEU A 10 7.34 -9.69 -2.60
N ALA A 11 6.86 -10.08 -3.78
CA ALA A 11 5.91 -9.25 -4.52
C ALA A 11 4.57 -9.16 -3.79
N ILE A 12 3.99 -10.32 -3.48
CA ILE A 12 2.71 -10.36 -2.79
C ILE A 12 2.79 -9.68 -1.43
N THR A 13 3.91 -9.88 -0.73
CA THR A 13 4.11 -9.28 0.58
C THR A 13 4.16 -7.76 0.47
N PHE A 14 4.97 -7.26 -0.45
CA PHE A 14 5.11 -5.82 -0.65
C PHE A 14 3.79 -5.20 -1.09
N GLY A 15 3.01 -5.96 -1.85
CA GLY A 15 1.73 -5.47 -2.32
C GLY A 15 0.73 -5.29 -1.20
N ILE A 16 0.48 -6.37 -0.45
CA ILE A 16 -0.47 -6.32 0.65
C ILE A 16 -0.05 -5.30 1.70
N VAL A 17 1.25 -5.30 2.03
CA VAL A 17 1.78 -4.38 3.02
C VAL A 17 1.64 -2.93 2.55
N MET A 18 2.11 -2.65 1.34
CA MET A 18 2.03 -1.31 0.77
C MET A 18 0.58 -0.85 0.66
N MET A 19 -0.26 -1.70 0.07
CA MET A 19 -1.68 -1.38 -0.10
C MET A 19 -2.33 -1.07 1.25
N THR A 20 -2.00 -1.86 2.26
CA THR A 20 -2.56 -1.66 3.60
C THR A 20 -2.10 -0.33 4.19
N LEU A 21 -0.82 -0.01 4.01
CA LEU A 21 -0.26 1.23 4.53
C LEU A 21 -0.97 2.44 3.94
N ILE A 22 -1.05 2.48 2.60
CA ILE A 22 -1.70 3.58 1.91
C ILE A 22 -3.20 3.61 2.22
N ASP A 23 -3.78 2.44 2.41
CA ASP A 23 -5.19 2.33 2.72
C ASP A 23 -5.53 3.02 4.04
N ILE A 24 -4.77 2.66 5.09
CA ILE A 24 -4.99 3.25 6.41
C ILE A 24 -4.65 4.74 6.41
N TYR A 25 -3.51 5.09 5.83
CA TYR A 25 -3.08 6.48 5.76
C TYR A 25 -4.08 7.31 4.97
N HIS A 26 -4.64 6.73 3.92
CA HIS A 26 -5.61 7.43 3.09
C HIS A 26 -6.91 7.68 3.86
N ALA A 27 -7.46 6.62 4.43
CA ALA A 27 -8.70 6.73 5.20
C ALA A 27 -8.55 7.72 6.35
N VAL A 28 -7.50 7.54 7.14
CA VAL A 28 -7.24 8.41 8.28
C VAL A 28 -7.04 9.84 7.83
N ASP A 29 -6.29 10.04 6.75
CA ASP A 29 -6.02 11.37 6.22
C ASP A 29 -7.31 12.00 5.69
N SER A 30 -8.17 11.18 5.11
CA SER A 30 -9.44 11.66 4.57
C SER A 30 -10.36 12.15 5.69
N THR A 31 -10.53 11.31 6.71
CA THR A 31 -11.39 11.66 7.84
C THR A 31 -10.77 12.77 8.68
N MET A 32 -9.45 12.76 8.78
CA MET A 32 -8.74 13.77 9.56
C MET A 32 -8.74 15.11 8.84
N SER A 33 -8.59 15.08 7.53
CA SER A 33 -8.59 16.29 6.73
C SER A 33 -9.42 16.12 5.45
N PRO A 34 -10.74 16.00 5.63
CA PRO A 34 -11.67 15.82 4.51
C PRO A 34 -11.80 17.07 3.66
N LYS A 35 -12.44 16.94 2.51
CA LYS A 35 -12.65 18.07 1.61
C LYS A 35 -11.31 18.71 1.23
N ASN A 36 -10.37 17.87 0.79
CA ASN A 36 -9.04 18.35 0.39
C ASN A 36 -8.40 17.39 -0.58
N ARG A 37 -8.07 17.89 -1.78
CA ARG A 37 -7.44 17.08 -2.80
C ARG A 37 -6.10 17.68 -3.22
N LEU A 38 -5.42 17.00 -4.14
CA LEU A 38 -4.12 17.46 -4.63
C LEU A 38 -4.26 18.26 -5.91
N GLU A 39 -4.93 17.67 -6.90
CA GLU A 39 -5.15 18.33 -8.19
C GLU A 39 -6.55 18.93 -8.26
N MET A 1 20.71 -17.95 -8.08
CA MET A 1 20.90 -17.55 -6.70
C MET A 1 19.56 -17.26 -6.03
N ILE A 2 18.73 -16.48 -6.70
CA ILE A 2 17.41 -16.12 -6.16
C ILE A 2 16.34 -17.10 -6.65
N SER A 3 15.37 -17.37 -5.80
CA SER A 3 14.28 -18.29 -6.14
C SER A 3 13.09 -17.53 -6.71
N ASP A 4 12.50 -18.09 -7.77
CA ASP A 4 11.35 -17.47 -8.42
C ASP A 4 10.15 -17.42 -7.47
N GLU A 5 10.00 -18.46 -6.66
CA GLU A 5 8.90 -18.53 -5.71
C GLU A 5 9.00 -17.42 -4.67
N GLN A 6 10.19 -17.26 -4.09
CA GLN A 6 10.41 -16.24 -3.08
C GLN A 6 10.24 -14.85 -3.67
N LEU A 7 10.69 -14.68 -4.92
CA LEU A 7 10.59 -13.39 -5.60
C LEU A 7 9.13 -13.00 -5.81
N ASN A 8 8.36 -13.89 -6.41
CA ASN A 8 6.95 -13.65 -6.66
C ASN A 8 6.16 -13.56 -5.36
N SER A 9 6.55 -14.38 -4.39
CA SER A 9 5.88 -14.40 -3.09
C SER A 9 6.13 -13.10 -2.33
N LEU A 10 7.39 -12.70 -2.27
CA LEU A 10 7.77 -11.47 -1.57
C LEU A 10 7.22 -10.25 -2.30
N ALA A 11 7.11 -10.35 -3.62
CA ALA A 11 6.61 -9.26 -4.43
C ALA A 11 5.13 -9.01 -4.16
N ILE A 12 4.31 -10.05 -4.31
CA ILE A 12 2.88 -9.94 -4.08
C ILE A 12 2.59 -9.53 -2.63
N THR A 13 3.32 -10.12 -1.69
CA THR A 13 3.14 -9.82 -0.28
C THR A 13 3.43 -8.35 0.01
N PHE A 14 4.60 -7.89 -0.42
CA PHE A 14 4.99 -6.49 -0.21
C PHE A 14 4.02 -5.54 -0.90
N GLY A 15 3.48 -5.98 -2.04
CA GLY A 15 2.55 -5.16 -2.78
C GLY A 15 1.25 -4.91 -2.02
N ILE A 16 0.61 -5.99 -1.60
CA ILE A 16 -0.64 -5.90 -0.86
C ILE A 16 -0.45 -5.18 0.47
N VAL A 17 0.69 -5.46 1.11
CA VAL A 17 1.00 -4.85 2.39
C VAL A 17 1.24 -3.34 2.24
N MET A 18 2.03 -2.97 1.24
CA MET A 18 2.34 -1.57 0.99
C MET A 18 1.09 -0.81 0.55
N MET A 19 0.31 -1.43 -0.34
CA MET A 19 -0.92 -0.82 -0.84
C MET A 19 -1.92 -0.61 0.29
N THR A 20 -2.04 -1.60 1.17
CA THR A 20 -2.96 -1.53 2.29
C THR A 20 -2.56 -0.43 3.26
N LEU A 21 -1.31 -0.48 3.72
CA LEU A 21 -0.80 0.51 4.67
C LEU A 21 -0.97 1.91 4.12
N ILE A 22 -0.48 2.14 2.89
CA ILE A 22 -0.59 3.43 2.26
C ILE A 22 -2.05 3.84 2.05
N ASP A 23 -2.89 2.86 1.75
CA ASP A 23 -4.31 3.11 1.54
C ASP A 23 -4.96 3.65 2.80
N ILE A 24 -4.76 2.96 3.92
CA ILE A 24 -5.33 3.37 5.19
C ILE A 24 -4.79 4.74 5.62
N TYR A 25 -3.47 4.88 5.59
CA TYR A 25 -2.84 6.13 5.98
C TYR A 25 -3.31 7.28 5.09
N HIS A 26 -3.54 6.97 3.81
CA HIS A 26 -3.99 7.98 2.86
C HIS A 26 -5.41 8.45 3.20
N ALA A 27 -6.31 7.50 3.40
CA ALA A 27 -7.69 7.82 3.73
C ALA A 27 -7.78 8.57 5.06
N VAL A 28 -7.09 8.06 6.07
CA VAL A 28 -7.08 8.68 7.39
C VAL A 28 -6.51 10.08 7.33
N ASP A 29 -5.41 10.24 6.58
CA ASP A 29 -4.76 11.54 6.44
C ASP A 29 -5.68 12.53 5.73
N SER A 30 -6.40 12.05 4.72
CA SER A 30 -7.30 12.90 3.95
C SER A 30 -8.55 13.24 4.77
N THR A 31 -9.00 12.28 5.57
CA THR A 31 -10.18 12.48 6.40
C THR A 31 -9.86 13.37 7.60
N MET A 32 -8.65 13.23 8.13
CA MET A 32 -8.23 14.01 9.28
C MET A 32 -7.86 15.43 8.86
N SER A 33 -7.21 15.55 7.70
CA SER A 33 -6.80 16.85 7.18
C SER A 33 -7.13 16.98 5.70
N PRO A 34 -8.44 17.04 5.39
CA PRO A 34 -8.92 17.16 4.01
C PRO A 34 -8.60 18.53 3.41
N LYS A 35 -8.15 18.54 2.16
CA LYS A 35 -7.82 19.77 1.46
C LYS A 35 -8.99 20.26 0.63
N ASN A 36 -9.30 19.51 -0.43
CA ASN A 36 -10.41 19.86 -1.31
C ASN A 36 -11.16 18.61 -1.76
N ARG A 37 -12.41 18.49 -1.34
CA ARG A 37 -13.24 17.35 -1.70
C ARG A 37 -13.92 17.57 -3.05
N LEU A 38 -13.13 17.49 -4.12
CA LEU A 38 -13.65 17.69 -5.47
C LEU A 38 -13.14 16.60 -6.41
N GLU A 39 -13.02 15.37 -5.89
CA GLU A 39 -12.55 14.25 -6.68
C GLU A 39 -13.69 13.56 -7.39
N MET A 1 19.66 -15.32 -9.33
CA MET A 1 20.15 -15.02 -7.98
C MET A 1 19.04 -15.19 -6.95
N ILE A 2 17.85 -14.72 -7.29
CA ILE A 2 16.71 -14.83 -6.39
C ILE A 2 15.75 -15.93 -6.83
N SER A 3 15.15 -16.61 -5.85
CA SER A 3 14.22 -17.69 -6.14
C SER A 3 12.88 -17.15 -6.63
N ASP A 4 12.31 -17.81 -7.64
CA ASP A 4 11.04 -17.38 -8.19
C ASP A 4 9.96 -17.36 -7.11
N GLU A 5 10.02 -18.33 -6.20
CA GLU A 5 9.05 -18.42 -5.12
C GLU A 5 9.16 -17.22 -4.17
N GLN A 6 10.36 -16.99 -3.67
CA GLN A 6 10.61 -15.87 -2.76
C GLN A 6 10.32 -14.54 -3.44
N LEU A 7 10.73 -14.43 -4.70
CA LEU A 7 10.52 -13.20 -5.46
C LEU A 7 9.04 -12.95 -5.67
N ASN A 8 8.33 -13.96 -6.17
CA ASN A 8 6.90 -13.84 -6.42
C ASN A 8 6.15 -13.50 -5.14
N SER A 9 6.41 -14.26 -4.08
CA SER A 9 5.76 -14.05 -2.80
C SER A 9 6.05 -12.66 -2.27
N LEU A 10 7.30 -12.22 -2.43
CA LEU A 10 7.71 -10.90 -1.96
C LEU A 10 6.99 -9.80 -2.74
N ALA A 11 6.79 -10.04 -4.04
CA ALA A 11 6.10 -9.07 -4.90
C ALA A 11 4.64 -8.91 -4.48
N ILE A 12 3.92 -10.03 -4.43
CA ILE A 12 2.52 -10.01 -4.07
C ILE A 12 2.32 -9.43 -2.67
N THR A 13 3.21 -9.81 -1.75
CA THR A 13 3.13 -9.32 -0.37
C THR A 13 3.30 -7.81 -0.32
N PHE A 14 4.34 -7.30 -0.96
CA PHE A 14 4.60 -5.87 -0.97
C PHE A 14 3.47 -5.12 -1.68
N GLY A 15 2.88 -5.76 -2.69
CA GLY A 15 1.80 -5.14 -3.42
C GLY A 15 0.56 -4.92 -2.57
N ILE A 16 0.05 -6.00 -1.98
CA ILE A 16 -1.13 -5.92 -1.13
C ILE A 16 -0.88 -5.03 0.08
N VAL A 17 0.28 -5.19 0.70
CA VAL A 17 0.63 -4.38 1.87
C VAL A 17 0.72 -2.91 1.52
N MET A 18 1.26 -2.62 0.33
CA MET A 18 1.40 -1.25 -0.13
C MET A 18 0.04 -0.63 -0.45
N MET A 19 -0.85 -1.44 -1.01
CA MET A 19 -2.19 -0.98 -1.37
C MET A 19 -3.00 -0.66 -0.12
N THR A 20 -2.87 -1.49 0.90
CA THR A 20 -3.59 -1.30 2.15
C THR A 20 -2.98 -0.17 2.96
N LEU A 21 -1.66 -0.03 2.89
CA LEU A 21 -0.95 1.01 3.62
C LEU A 21 -1.30 2.39 3.07
N ILE A 22 -1.25 2.52 1.75
CA ILE A 22 -1.57 3.79 1.10
C ILE A 22 -3.06 4.09 1.18
N ASP A 23 -3.89 3.08 0.97
CA ASP A 23 -5.33 3.23 1.02
C ASP A 23 -5.77 3.73 2.40
N ILE A 24 -5.33 3.04 3.44
CA ILE A 24 -5.68 3.41 4.80
C ILE A 24 -5.07 4.76 5.19
N TYR A 25 -3.76 4.89 4.97
CA TYR A 25 -3.06 6.13 5.28
C TYR A 25 -3.70 7.31 4.56
N HIS A 26 -4.17 7.08 3.35
CA HIS A 26 -4.80 8.14 2.56
C HIS A 26 -6.16 8.52 3.15
N ALA A 27 -7.01 7.51 3.36
CA ALA A 27 -8.33 7.74 3.92
C ALA A 27 -8.24 8.50 5.25
N VAL A 28 -7.39 8.02 6.14
CA VAL A 28 -7.20 8.66 7.44
C VAL A 28 -6.65 10.06 7.29
N ASP A 29 -5.57 10.19 6.52
CA ASP A 29 -4.94 11.49 6.29
C ASP A 29 -5.97 12.51 5.80
N SER A 30 -6.83 12.08 4.88
CA SER A 30 -7.85 12.96 4.33
C SER A 30 -8.95 13.23 5.34
N THR A 31 -9.30 12.20 6.11
CA THR A 31 -10.34 12.32 7.13
C THR A 31 -9.92 13.28 8.23
N MET A 32 -8.63 13.27 8.57
CA MET A 32 -8.10 14.13 9.61
C MET A 32 -7.79 15.52 9.06
N SER A 33 -7.26 15.57 7.84
CA SER A 33 -6.91 16.83 7.20
C SER A 33 -7.48 16.90 5.79
N PRO A 34 -8.82 16.99 5.71
CA PRO A 34 -9.54 17.07 4.43
C PRO A 34 -9.30 18.40 3.72
N LYS A 35 -8.33 18.42 2.81
CA LYS A 35 -8.00 19.63 2.06
C LYS A 35 -8.29 19.44 0.57
N ASN A 36 -9.54 19.13 0.25
CA ASN A 36 -9.94 18.92 -1.14
C ASN A 36 -9.05 17.88 -1.81
N ARG A 37 -8.71 16.83 -1.06
CA ARG A 37 -7.87 15.76 -1.58
C ARG A 37 -8.67 14.48 -1.78
N LEU A 38 -9.53 14.47 -2.79
CA LEU A 38 -10.36 13.31 -3.09
C LEU A 38 -9.80 12.54 -4.27
N GLU A 39 -9.44 11.28 -4.03
CA GLU A 39 -8.89 10.42 -5.09
C GLU A 39 -9.98 9.56 -5.70
N MET A 1 21.78 -16.40 -7.28
CA MET A 1 21.07 -17.67 -7.21
C MET A 1 19.67 -17.48 -6.65
N ILE A 2 18.98 -16.45 -7.13
CA ILE A 2 17.62 -16.16 -6.67
C ILE A 2 16.62 -17.18 -7.20
N SER A 3 15.59 -17.46 -6.41
CA SER A 3 14.57 -18.42 -6.80
C SER A 3 13.29 -17.72 -7.23
N ASP A 4 12.67 -18.23 -8.29
CA ASP A 4 11.42 -17.65 -8.79
C ASP A 4 10.36 -17.58 -7.70
N GLU A 5 10.29 -18.63 -6.89
CA GLU A 5 9.32 -18.69 -5.79
C GLU A 5 9.56 -17.56 -4.80
N GLN A 6 10.83 -17.33 -4.47
CA GLN A 6 11.19 -16.27 -3.52
C GLN A 6 10.81 -14.90 -4.07
N LEU A 7 11.15 -14.66 -5.33
CA LEU A 7 10.85 -13.39 -5.96
C LEU A 7 9.35 -13.15 -6.03
N ASN A 8 8.62 -14.16 -6.49
CA ASN A 8 7.16 -14.07 -6.60
C ASN A 8 6.53 -13.78 -5.25
N SER A 9 6.90 -14.57 -4.25
CA SER A 9 6.37 -14.39 -2.90
C SER A 9 6.67 -13.00 -2.37
N LEU A 10 7.89 -12.53 -2.61
CA LEU A 10 8.30 -11.21 -2.15
C LEU A 10 7.50 -10.11 -2.86
N ALA A 11 7.18 -10.34 -4.13
CA ALA A 11 6.41 -9.37 -4.90
C ALA A 11 5.00 -9.25 -4.37
N ILE A 12 4.30 -10.38 -4.27
CA ILE A 12 2.93 -10.39 -3.78
C ILE A 12 2.86 -9.86 -2.34
N THR A 13 3.84 -10.22 -1.53
CA THR A 13 3.89 -9.77 -0.14
C THR A 13 4.03 -8.26 -0.06
N PHE A 14 5.01 -7.72 -0.79
CA PHE A 14 5.25 -6.28 -0.80
C PHE A 14 4.05 -5.52 -1.37
N GLY A 15 3.36 -6.15 -2.32
CA GLY A 15 2.21 -5.53 -2.94
C GLY A 15 1.05 -5.37 -1.96
N ILE A 16 0.62 -6.48 -1.37
CA ILE A 16 -0.48 -6.47 -0.42
C ILE A 16 -0.16 -5.60 0.79
N VAL A 17 1.06 -5.73 1.30
CA VAL A 17 1.51 -4.95 2.45
C VAL A 17 1.55 -3.46 2.13
N MET A 18 2.05 -3.14 0.94
CA MET A 18 2.15 -1.75 0.51
C MET A 18 0.75 -1.12 0.41
N MET A 19 -0.14 -1.79 -0.30
CA MET A 19 -1.50 -1.30 -0.49
C MET A 19 -2.20 -1.16 0.86
N THR A 20 -1.99 -2.13 1.74
CA THR A 20 -2.60 -2.10 3.06
C THR A 20 -2.17 -0.89 3.86
N LEU A 21 -0.86 -0.66 3.91
CA LEU A 21 -0.30 0.48 4.64
C LEU A 21 -0.82 1.80 4.07
N ILE A 22 -0.55 2.03 2.79
CA ILE A 22 -0.98 3.24 2.12
C ILE A 22 -2.50 3.43 2.27
N ASP A 23 -3.23 2.33 2.33
CA ASP A 23 -4.67 2.37 2.47
C ASP A 23 -5.07 2.94 3.83
N ILE A 24 -4.50 2.37 4.89
CA ILE A 24 -4.79 2.81 6.25
C ILE A 24 -4.32 4.25 6.48
N TYR A 25 -3.13 4.54 5.97
CA TYR A 25 -2.55 5.88 6.12
C TYR A 25 -3.36 6.91 5.33
N HIS A 26 -3.86 6.49 4.17
CA HIS A 26 -4.65 7.37 3.32
C HIS A 26 -6.02 7.67 3.95
N ALA A 27 -6.62 6.64 4.52
CA ALA A 27 -7.93 6.79 5.16
C ALA A 27 -7.83 7.66 6.41
N VAL A 28 -6.87 7.36 7.27
CA VAL A 28 -6.66 8.12 8.50
C VAL A 28 -6.26 9.56 8.18
N ASP A 29 -5.36 9.73 7.23
CA ASP A 29 -4.89 11.05 6.84
C ASP A 29 -6.02 11.87 6.22
N SER A 30 -6.82 11.22 5.37
CA SER A 30 -7.93 11.88 4.71
C SER A 30 -9.05 12.18 5.70
N THR A 31 -9.26 11.27 6.64
CA THR A 31 -10.31 11.44 7.65
C THR A 31 -9.92 12.51 8.67
N MET A 32 -8.63 12.58 8.98
CA MET A 32 -8.12 13.56 9.94
C MET A 32 -7.98 14.93 9.28
N SER A 33 -7.51 14.94 8.03
CA SER A 33 -7.31 16.18 7.31
C SER A 33 -7.91 16.08 5.90
N PRO A 34 -9.24 16.01 5.83
CA PRO A 34 -9.96 15.91 4.55
C PRO A 34 -9.88 17.20 3.74
N LYS A 35 -9.56 17.07 2.45
CA LYS A 35 -9.44 18.22 1.57
C LYS A 35 -10.82 18.63 1.05
N ASN A 36 -10.95 19.90 0.68
CA ASN A 36 -12.21 20.42 0.16
C ASN A 36 -12.01 21.06 -1.22
N ARG A 37 -11.22 20.41 -2.06
CA ARG A 37 -10.95 20.92 -3.40
C ARG A 37 -11.28 19.85 -4.46
N LEU A 38 -12.42 20.01 -5.10
CA LEU A 38 -12.86 19.08 -6.14
C LEU A 38 -11.81 18.96 -7.24
N GLU A 39 -11.37 17.73 -7.50
CA GLU A 39 -10.37 17.49 -8.53
C GLU A 39 -10.87 17.94 -9.90
N MET A 1 19.09 -12.16 -10.49
CA MET A 1 19.61 -13.12 -9.53
C MET A 1 18.63 -13.33 -8.38
N ILE A 2 17.39 -13.67 -8.73
CA ILE A 2 16.36 -13.90 -7.72
C ILE A 2 15.47 -15.07 -8.11
N SER A 3 14.72 -15.60 -7.14
CA SER A 3 13.83 -16.72 -7.37
C SER A 3 12.41 -16.24 -7.67
N ASP A 4 11.73 -16.93 -8.57
CA ASP A 4 10.37 -16.57 -8.94
C ASP A 4 9.43 -16.71 -7.75
N GLU A 5 9.66 -17.73 -6.93
CA GLU A 5 8.83 -17.97 -5.76
C GLU A 5 9.02 -16.86 -4.73
N GLN A 6 10.27 -16.63 -4.33
CA GLN A 6 10.57 -15.59 -3.36
C GLN A 6 10.19 -14.21 -3.87
N LEU A 7 10.52 -13.94 -5.13
CA LEU A 7 10.20 -12.66 -5.74
C LEU A 7 8.69 -12.44 -5.80
N ASN A 8 7.98 -13.43 -6.33
CA ASN A 8 6.53 -13.34 -6.45
C ASN A 8 5.89 -13.07 -5.09
N SER A 9 6.28 -13.87 -4.09
CA SER A 9 5.75 -13.73 -2.74
C SER A 9 6.01 -12.33 -2.20
N LEU A 10 7.24 -11.85 -2.40
CA LEU A 10 7.63 -10.53 -1.92
C LEU A 10 6.84 -9.44 -2.65
N ALA A 11 6.55 -9.67 -3.93
CA ALA A 11 5.80 -8.71 -4.73
C ALA A 11 4.38 -8.56 -4.21
N ILE A 12 3.67 -9.68 -4.09
CA ILE A 12 2.30 -9.67 -3.61
C ILE A 12 2.23 -9.16 -2.18
N THR A 13 3.22 -9.52 -1.37
CA THR A 13 3.26 -9.09 0.03
C THR A 13 3.41 -7.57 0.13
N PHE A 14 4.40 -7.03 -0.57
CA PHE A 14 4.65 -5.59 -0.56
C PHE A 14 3.46 -4.84 -1.13
N GLY A 15 2.84 -5.40 -2.15
CA GLY A 15 1.69 -4.77 -2.78
C GLY A 15 0.51 -4.65 -1.83
N ILE A 16 0.11 -5.76 -1.25
CA ILE A 16 -1.02 -5.79 -0.32
C ILE A 16 -0.74 -4.89 0.89
N VAL A 17 0.40 -5.11 1.53
CA VAL A 17 0.78 -4.33 2.70
C VAL A 17 0.79 -2.85 2.39
N MET A 18 1.47 -2.48 1.29
CA MET A 18 1.55 -1.09 0.88
C MET A 18 0.16 -0.48 0.72
N MET A 19 -0.70 -1.16 -0.03
CA MET A 19 -2.06 -0.68 -0.26
C MET A 19 -2.84 -0.62 1.05
N THR A 20 -2.49 -1.49 1.98
CA THR A 20 -3.16 -1.54 3.27
C THR A 20 -2.87 -0.28 4.08
N LEU A 21 -1.60 -0.02 4.32
CA LEU A 21 -1.19 1.16 5.09
C LEU A 21 -1.60 2.44 4.36
N ILE A 22 -1.54 2.42 3.04
CA ILE A 22 -1.90 3.57 2.23
C ILE A 22 -3.41 3.80 2.25
N ASP A 23 -4.16 2.71 2.28
CA ASP A 23 -5.62 2.78 2.31
C ASP A 23 -6.12 3.34 3.63
N ILE A 24 -5.66 2.75 4.73
CA ILE A 24 -6.05 3.20 6.06
C ILE A 24 -5.56 4.61 6.35
N TYR A 25 -4.35 4.91 5.88
CA TYR A 25 -3.75 6.23 6.09
C TYR A 25 -4.46 7.28 5.24
N HIS A 26 -4.85 6.89 4.03
CA HIS A 26 -5.55 7.80 3.12
C HIS A 26 -6.95 8.10 3.62
N ALA A 27 -7.61 7.08 4.17
CA ALA A 27 -8.97 7.24 4.68
C ALA A 27 -8.98 8.08 5.95
N VAL A 28 -8.12 7.73 6.89
CA VAL A 28 -8.02 8.46 8.16
C VAL A 28 -7.58 9.90 7.94
N ASP A 29 -6.56 10.08 7.10
CA ASP A 29 -6.04 11.40 6.79
C ASP A 29 -7.09 12.25 6.07
N SER A 30 -7.74 11.65 5.08
CA SER A 30 -8.76 12.34 4.32
C SER A 30 -9.94 12.72 5.20
N THR A 31 -10.27 11.85 6.14
CA THR A 31 -11.38 12.10 7.06
C THR A 31 -11.01 13.11 8.13
N MET A 32 -9.74 13.06 8.57
CA MET A 32 -9.26 13.98 9.59
C MET A 32 -9.05 15.38 9.00
N SER A 33 -8.55 15.44 7.78
CA SER A 33 -8.31 16.71 7.11
C SER A 33 -8.77 16.67 5.65
N PRO A 34 -10.10 16.59 5.45
CA PRO A 34 -10.69 16.53 4.12
C PRO A 34 -10.55 17.85 3.37
N LYS A 35 -10.13 17.79 2.12
CA LYS A 35 -9.97 18.97 1.30
C LYS A 35 -10.21 18.66 -0.18
N ASN A 36 -9.25 17.98 -0.80
CA ASN A 36 -9.36 17.61 -2.21
C ASN A 36 -9.20 16.11 -2.40
N ARG A 37 -8.00 15.61 -2.12
CA ARG A 37 -7.73 14.18 -2.26
C ARG A 37 -6.34 13.84 -1.71
N LEU A 38 -5.98 12.57 -1.78
CA LEU A 38 -4.67 12.12 -1.30
C LEU A 38 -4.19 10.90 -2.08
N GLU A 39 -2.87 10.77 -2.21
CA GLU A 39 -2.28 9.65 -2.94
C GLU A 39 -2.21 8.40 -2.06
N MET A 1 21.47 -15.99 -5.77
CA MET A 1 20.84 -17.11 -6.46
C MET A 1 19.47 -17.42 -5.85
N ILE A 2 18.76 -16.37 -5.48
CA ILE A 2 17.43 -16.52 -4.89
C ILE A 2 16.53 -17.40 -5.77
N SER A 3 15.61 -18.11 -5.14
CA SER A 3 14.70 -18.99 -5.86
C SER A 3 13.52 -18.20 -6.43
N ASP A 4 13.13 -18.54 -7.65
CA ASP A 4 12.01 -17.86 -8.31
C ASP A 4 10.77 -17.86 -7.42
N GLU A 5 10.57 -18.97 -6.70
CA GLU A 5 9.42 -19.10 -5.81
C GLU A 5 9.47 -18.05 -4.70
N GLN A 6 10.58 -18.02 -3.97
CA GLN A 6 10.75 -17.06 -2.88
C GLN A 6 10.70 -15.64 -3.40
N LEU A 7 11.35 -15.40 -4.54
CA LEU A 7 11.37 -14.08 -5.14
C LEU A 7 9.97 -13.60 -5.50
N ASN A 8 9.24 -14.45 -6.23
CA ASN A 8 7.88 -14.12 -6.63
C ASN A 8 7.00 -13.86 -5.42
N SER A 9 7.03 -14.79 -4.46
CA SER A 9 6.22 -14.66 -3.25
C SER A 9 6.56 -13.38 -2.51
N LEU A 10 7.84 -13.08 -2.40
CA LEU A 10 8.31 -11.87 -1.71
C LEU A 10 7.84 -10.62 -2.44
N ALA A 11 7.80 -10.69 -3.77
CA ALA A 11 7.37 -9.56 -4.58
C ALA A 11 5.89 -9.26 -4.35
N ILE A 12 5.05 -10.27 -4.53
CA ILE A 12 3.61 -10.11 -4.34
C ILE A 12 3.29 -9.71 -2.91
N THR A 13 4.02 -10.27 -1.96
CA THR A 13 3.81 -9.97 -0.55
C THR A 13 4.11 -8.50 -0.25
N PHE A 14 5.29 -8.05 -0.66
CA PHE A 14 5.69 -6.66 -0.44
C PHE A 14 4.74 -5.70 -1.15
N GLY A 15 4.30 -6.08 -2.34
CA GLY A 15 3.40 -5.24 -3.10
C GLY A 15 2.06 -5.05 -2.41
N ILE A 16 1.42 -6.15 -2.05
CA ILE A 16 0.13 -6.09 -1.38
C ILE A 16 0.24 -5.36 -0.05
N VAL A 17 1.14 -5.83 0.81
CA VAL A 17 1.35 -5.22 2.12
C VAL A 17 1.57 -3.71 2.00
N MET A 18 2.48 -3.34 1.11
CA MET A 18 2.79 -1.93 0.88
C MET A 18 1.55 -1.15 0.47
N MET A 19 0.79 -1.71 -0.46
CA MET A 19 -0.43 -1.08 -0.95
C MET A 19 -1.39 -0.81 0.19
N THR A 20 -1.55 -1.80 1.08
CA THR A 20 -2.45 -1.66 2.22
C THR A 20 -1.96 -0.58 3.17
N LEU A 21 -0.71 -0.67 3.58
CA LEU A 21 -0.12 0.31 4.49
C LEU A 21 -0.32 1.72 3.97
N ILE A 22 0.19 2.00 2.78
CA ILE A 22 0.05 3.31 2.17
C ILE A 22 -1.41 3.73 2.09
N ASP A 23 -2.24 2.82 1.61
CA ASP A 23 -3.68 3.10 1.48
C ASP A 23 -4.27 3.54 2.81
N ILE A 24 -4.03 2.74 3.84
CA ILE A 24 -4.54 3.05 5.17
C ILE A 24 -4.10 4.44 5.64
N TYR A 25 -2.79 4.64 5.66
CA TYR A 25 -2.22 5.92 6.08
C TYR A 25 -2.81 7.07 5.26
N HIS A 26 -2.94 6.85 3.97
CA HIS A 26 -3.50 7.87 3.07
C HIS A 26 -4.95 8.15 3.40
N ALA A 27 -5.67 7.12 3.85
CA ALA A 27 -7.07 7.25 4.20
C ALA A 27 -7.24 8.05 5.50
N VAL A 28 -6.53 7.61 6.54
CA VAL A 28 -6.61 8.28 7.84
C VAL A 28 -6.19 9.75 7.72
N ASP A 29 -5.17 10.01 6.91
CA ASP A 29 -4.69 11.37 6.72
C ASP A 29 -5.65 12.17 5.83
N SER A 30 -6.23 11.50 4.85
CA SER A 30 -7.16 12.15 3.93
C SER A 30 -8.42 12.61 4.66
N THR A 31 -8.86 11.80 5.62
CA THR A 31 -10.05 12.12 6.40
C THR A 31 -9.71 13.06 7.56
N MET A 32 -8.52 12.89 8.13
CA MET A 32 -8.08 13.72 9.25
C MET A 32 -7.75 15.13 8.78
N SER A 33 -7.15 15.22 7.60
CA SER A 33 -6.78 16.52 7.04
C SER A 33 -7.06 16.57 5.54
N PRO A 34 -8.35 16.56 5.18
CA PRO A 34 -8.79 16.60 3.78
C PRO A 34 -8.52 17.94 3.13
N LYS A 35 -8.37 17.94 1.81
CA LYS A 35 -8.12 19.17 1.06
C LYS A 35 -9.38 20.00 0.93
N ASN A 36 -9.24 21.21 0.40
CA ASN A 36 -10.38 22.10 0.22
C ASN A 36 -11.01 21.91 -1.16
N ARG A 37 -12.14 21.21 -1.19
CA ARG A 37 -12.84 20.96 -2.45
C ARG A 37 -14.34 21.17 -2.29
N LEU A 38 -14.97 21.66 -3.35
CA LEU A 38 -16.42 21.91 -3.32
C LEU A 38 -17.16 20.94 -4.24
N GLU A 39 -16.83 20.97 -5.52
CA GLU A 39 -17.47 20.09 -6.50
C GLU A 39 -16.53 18.95 -6.89
N MET A 1 19.91 -13.35 -7.29
CA MET A 1 19.90 -14.79 -7.54
C MET A 1 18.91 -15.49 -6.62
N ILE A 2 17.72 -14.91 -6.48
CA ILE A 2 16.69 -15.47 -5.62
C ILE A 2 15.79 -16.43 -6.41
N SER A 3 15.39 -17.53 -5.77
CA SER A 3 14.54 -18.52 -6.42
C SER A 3 13.25 -17.87 -6.92
N ASP A 4 12.68 -18.44 -7.97
CA ASP A 4 11.45 -17.93 -8.56
C ASP A 4 10.31 -17.98 -7.55
N GLU A 5 10.30 -19.02 -6.73
CA GLU A 5 9.26 -19.19 -5.72
C GLU A 5 9.37 -18.13 -4.64
N GLN A 6 10.56 -18.02 -4.04
CA GLN A 6 10.80 -17.05 -2.99
C GLN A 6 10.64 -15.62 -3.52
N LEU A 7 11.16 -15.38 -4.72
CA LEU A 7 11.07 -14.07 -5.34
C LEU A 7 9.63 -13.67 -5.58
N ASN A 8 8.89 -14.54 -6.26
CA ASN A 8 7.47 -14.28 -6.55
C ASN A 8 6.69 -14.01 -5.27
N SER A 9 6.84 -14.90 -4.28
CA SER A 9 6.15 -14.76 -3.01
C SER A 9 6.44 -13.40 -2.38
N LEU A 10 7.73 -13.05 -2.34
CA LEU A 10 8.16 -11.78 -1.75
C LEU A 10 7.56 -10.60 -2.53
N ALA A 11 7.43 -10.77 -3.84
CA ALA A 11 6.87 -9.73 -4.69
C ALA A 11 5.42 -9.45 -4.34
N ILE A 12 4.60 -10.50 -4.35
CA ILE A 12 3.19 -10.38 -4.04
C ILE A 12 2.98 -9.92 -2.60
N THR A 13 3.88 -10.34 -1.72
CA THR A 13 3.79 -9.98 -0.31
C THR A 13 4.00 -8.48 -0.11
N PHE A 14 5.09 -7.96 -0.67
CA PHE A 14 5.41 -6.55 -0.56
C PHE A 14 4.34 -5.70 -1.25
N GLY A 15 3.86 -6.19 -2.39
CA GLY A 15 2.84 -5.47 -3.14
C GLY A 15 1.55 -5.30 -2.37
N ILE A 16 1.02 -6.42 -1.86
CA ILE A 16 -0.22 -6.39 -1.10
C ILE A 16 -0.06 -5.59 0.19
N VAL A 17 0.93 -5.97 0.99
CA VAL A 17 1.19 -5.30 2.26
C VAL A 17 1.32 -3.78 2.05
N MET A 18 2.17 -3.40 1.11
CA MET A 18 2.39 -1.98 0.82
C MET A 18 1.07 -1.31 0.43
N MET A 19 0.34 -1.94 -0.48
CA MET A 19 -0.93 -1.40 -0.94
C MET A 19 -1.85 -1.09 0.24
N THR A 20 -1.93 -2.02 1.19
CA THR A 20 -2.77 -1.84 2.37
C THR A 20 -2.29 -0.68 3.21
N LEU A 21 -0.99 -0.64 3.50
CA LEU A 21 -0.41 0.42 4.30
C LEU A 21 -0.77 1.79 3.74
N ILE A 22 -0.62 1.94 2.43
CA ILE A 22 -0.94 3.20 1.77
C ILE A 22 -2.44 3.50 1.83
N ASP A 23 -3.25 2.46 1.61
CA ASP A 23 -4.69 2.60 1.65
C ASP A 23 -5.16 3.11 3.01
N ILE A 24 -4.72 2.42 4.06
CA ILE A 24 -5.09 2.80 5.42
C ILE A 24 -4.61 4.20 5.76
N TYR A 25 -3.31 4.43 5.55
CA TYR A 25 -2.71 5.74 5.84
C TYR A 25 -3.42 6.84 5.05
N HIS A 26 -3.79 6.54 3.81
CA HIS A 26 -4.48 7.50 2.96
C HIS A 26 -5.87 7.80 3.49
N ALA A 27 -6.56 6.77 3.97
CA ALA A 27 -7.90 6.92 4.51
C ALA A 27 -7.89 7.77 5.78
N VAL A 28 -7.04 7.40 6.73
CA VAL A 28 -6.93 8.13 7.99
C VAL A 28 -6.42 9.55 7.75
N ASP A 29 -5.52 9.70 6.79
CA ASP A 29 -4.96 11.01 6.47
C ASP A 29 -6.00 11.90 5.79
N SER A 30 -6.84 11.29 4.98
CA SER A 30 -7.88 12.02 4.26
C SER A 30 -8.97 12.49 5.22
N THR A 31 -9.40 11.60 6.11
CA THR A 31 -10.43 11.90 7.08
C THR A 31 -9.92 12.86 8.15
N MET A 32 -8.65 12.70 8.51
CA MET A 32 -8.03 13.55 9.52
C MET A 32 -7.68 14.92 8.95
N SER A 33 -7.22 14.93 7.70
CA SER A 33 -6.84 16.17 7.03
C SER A 33 -7.40 16.22 5.62
N PRO A 34 -8.73 16.32 5.50
CA PRO A 34 -9.42 16.38 4.22
C PRO A 34 -9.16 17.68 3.48
N LYS A 35 -8.11 17.71 2.67
CA LYS A 35 -7.76 18.90 1.90
C LYS A 35 -8.18 18.74 0.45
N ASN A 36 -9.48 18.60 0.22
CA ASN A 36 -10.01 18.46 -1.13
C ASN A 36 -11.11 19.49 -1.40
N ARG A 37 -11.02 20.16 -2.54
CA ARG A 37 -12.00 21.17 -2.91
C ARG A 37 -13.03 20.59 -3.88
N LEU A 38 -12.56 19.86 -4.88
CA LEU A 38 -13.43 19.26 -5.86
C LEU A 38 -13.94 17.90 -5.39
N GLU A 39 -15.16 17.56 -5.79
CA GLU A 39 -15.76 16.28 -5.41
C GLU A 39 -15.26 15.15 -6.29
N MET A 1 20.12 -13.42 -8.22
CA MET A 1 19.75 -14.74 -8.69
C MET A 1 18.77 -15.41 -7.72
N ILE A 2 17.82 -14.63 -7.23
CA ILE A 2 16.82 -15.14 -6.29
C ILE A 2 15.83 -16.06 -7.00
N SER A 3 15.06 -16.80 -6.21
CA SER A 3 14.08 -17.72 -6.77
C SER A 3 12.79 -16.99 -7.16
N ASP A 4 12.13 -17.47 -8.20
CA ASP A 4 10.90 -16.86 -8.68
C ASP A 4 9.82 -16.92 -7.61
N GLU A 5 9.79 -18.02 -6.86
CA GLU A 5 8.79 -18.19 -5.80
C GLU A 5 8.95 -17.11 -4.74
N GLN A 6 10.15 -16.99 -4.19
CA GLN A 6 10.42 -16.00 -3.16
C GLN A 6 10.18 -14.58 -3.69
N LEU A 7 10.62 -14.34 -4.92
CA LEU A 7 10.46 -13.03 -5.55
C LEU A 7 8.98 -12.69 -5.72
N ASN A 8 8.22 -13.63 -6.25
CA ASN A 8 6.79 -13.44 -6.47
C ASN A 8 6.08 -13.13 -5.17
N SER A 9 6.33 -13.96 -4.15
CA SER A 9 5.70 -13.78 -2.84
C SER A 9 6.08 -12.43 -2.24
N LEU A 10 7.35 -12.06 -2.40
CA LEU A 10 7.84 -10.79 -1.87
C LEU A 10 7.18 -9.61 -2.58
N ALA A 11 6.92 -9.78 -3.87
CA ALA A 11 6.29 -8.72 -4.65
C ALA A 11 4.83 -8.51 -4.22
N ILE A 12 4.06 -9.60 -4.22
CA ILE A 12 2.67 -9.52 -3.82
C ILE A 12 2.52 -9.02 -2.39
N THR A 13 3.41 -9.46 -1.52
CA THR A 13 3.39 -9.06 -0.12
C THR A 13 3.65 -7.56 0.03
N PHE A 14 4.73 -7.10 -0.58
CA PHE A 14 5.10 -5.69 -0.52
C PHE A 14 4.00 -4.81 -1.13
N GLY A 15 3.35 -5.33 -2.17
CA GLY A 15 2.30 -4.59 -2.83
C GLY A 15 1.08 -4.42 -1.95
N ILE A 16 0.53 -5.53 -1.46
CA ILE A 16 -0.65 -5.49 -0.60
C ILE A 16 -0.38 -4.66 0.66
N VAL A 17 0.72 -4.97 1.33
CA VAL A 17 1.09 -4.25 2.55
C VAL A 17 1.22 -2.75 2.29
N MET A 18 2.01 -2.41 1.27
CA MET A 18 2.22 -1.00 0.92
C MET A 18 0.90 -0.31 0.63
N MET A 19 0.09 -0.91 -0.25
CA MET A 19 -1.20 -0.35 -0.60
C MET A 19 -2.09 -0.21 0.64
N THR A 20 -2.07 -1.22 1.50
CA THR A 20 -2.87 -1.21 2.72
C THR A 20 -2.43 -0.09 3.65
N LEU A 21 -1.13 0.08 3.80
CA LEU A 21 -0.59 1.12 4.67
C LEU A 21 -1.04 2.51 4.20
N ILE A 22 -0.85 2.78 2.91
CA ILE A 22 -1.25 4.07 2.36
C ILE A 22 -2.76 4.24 2.36
N ASP A 23 -3.48 3.12 2.25
CA ASP A 23 -4.93 3.14 2.25
C ASP A 23 -5.46 3.63 3.61
N ILE A 24 -5.01 2.99 4.67
CA ILE A 24 -5.43 3.36 6.02
C ILE A 24 -4.91 4.73 6.41
N TYR A 25 -3.68 5.04 5.99
CA TYR A 25 -3.07 6.33 6.29
C TYR A 25 -3.76 7.46 5.53
N HIS A 26 -4.19 7.16 4.31
CA HIS A 26 -4.87 8.15 3.48
C HIS A 26 -6.28 8.41 4.00
N ALA A 27 -6.98 7.35 4.37
CA ALA A 27 -8.34 7.46 4.87
C ALA A 27 -8.37 8.21 6.21
N VAL A 28 -7.47 7.83 7.11
CA VAL A 28 -7.40 8.45 8.42
C VAL A 28 -6.94 9.91 8.30
N ASP A 29 -5.86 10.13 7.57
CA ASP A 29 -5.33 11.47 7.37
C ASP A 29 -6.35 12.37 6.70
N SER A 30 -7.11 11.80 5.76
CA SER A 30 -8.12 12.56 5.03
C SER A 30 -9.32 12.85 5.93
N THR A 31 -9.66 11.89 6.79
CA THR A 31 -10.79 12.04 7.70
C THR A 31 -10.49 13.09 8.78
N MET A 32 -9.24 13.14 9.21
CA MET A 32 -8.83 14.09 10.24
C MET A 32 -8.50 15.44 9.61
N SER A 33 -7.91 15.42 8.42
CA SER A 33 -7.54 16.65 7.72
C SER A 33 -7.96 16.59 6.26
N PRO A 34 -9.29 16.62 6.04
CA PRO A 34 -9.86 16.57 4.68
C PRO A 34 -9.60 17.85 3.91
N LYS A 35 -8.53 17.86 3.11
CA LYS A 35 -8.17 19.02 2.30
C LYS A 35 -8.35 18.72 0.81
N ASN A 36 -7.76 17.62 0.37
CA ASN A 36 -7.85 17.22 -1.04
C ASN A 36 -8.56 15.87 -1.18
N ARG A 37 -9.23 15.68 -2.31
CA ARG A 37 -9.93 14.44 -2.58
C ARG A 37 -9.45 13.79 -3.87
N LEU A 38 -9.47 14.56 -4.95
CA LEU A 38 -9.03 14.07 -6.25
C LEU A 38 -7.60 14.50 -6.54
N GLU A 39 -6.74 13.54 -6.86
CA GLU A 39 -5.35 13.81 -7.16
C GLU A 39 -5.09 13.73 -8.66
N MET A 1 21.03 -17.12 -7.93
CA MET A 1 21.25 -17.74 -6.63
C MET A 1 19.95 -17.94 -5.88
N ILE A 2 19.03 -16.98 -6.05
CA ILE A 2 17.73 -17.06 -5.39
C ILE A 2 16.77 -17.96 -6.16
N SER A 3 15.68 -18.34 -5.51
CA SER A 3 14.68 -19.22 -6.13
C SER A 3 13.47 -18.41 -6.58
N ASP A 4 12.91 -18.77 -7.73
CA ASP A 4 11.75 -18.09 -8.27
C ASP A 4 10.60 -18.08 -7.26
N GLU A 5 10.42 -19.20 -6.57
CA GLU A 5 9.36 -19.32 -5.58
C GLU A 5 9.50 -18.25 -4.51
N GLN A 6 10.67 -18.18 -3.90
CA GLN A 6 10.93 -17.21 -2.84
C GLN A 6 10.78 -15.78 -3.38
N LEU A 7 11.27 -15.56 -4.60
CA LEU A 7 11.20 -14.25 -5.22
C LEU A 7 9.74 -13.82 -5.43
N ASN A 8 8.96 -14.68 -6.06
CA ASN A 8 7.56 -14.40 -6.32
C ASN A 8 6.81 -14.12 -5.01
N SER A 9 6.98 -15.00 -4.03
CA SER A 9 6.32 -14.84 -2.75
C SER A 9 6.67 -13.49 -2.12
N LEU A 10 7.96 -13.16 -2.11
CA LEU A 10 8.43 -11.90 -1.55
C LEU A 10 7.83 -10.71 -2.31
N ALA A 11 7.66 -10.88 -3.61
CA ALA A 11 7.10 -9.83 -4.45
C ALA A 11 5.66 -9.52 -4.07
N ILE A 12 4.82 -10.55 -4.05
CA ILE A 12 3.42 -10.40 -3.69
C ILE A 12 3.27 -9.94 -2.25
N THR A 13 4.19 -10.38 -1.38
CA THR A 13 4.15 -10.02 0.02
C THR A 13 4.39 -8.52 0.21
N PHE A 14 5.46 -8.01 -0.38
CA PHE A 14 5.80 -6.60 -0.28
C PHE A 14 4.74 -5.74 -0.97
N GLY A 15 4.22 -6.24 -2.08
CA GLY A 15 3.20 -5.51 -2.82
C GLY A 15 1.93 -5.31 -2.02
N ILE A 16 1.42 -6.39 -1.45
CA ILE A 16 0.19 -6.33 -0.65
C ILE A 16 0.41 -5.54 0.63
N VAL A 17 1.42 -5.93 1.40
CA VAL A 17 1.73 -5.25 2.65
C VAL A 17 1.89 -3.75 2.44
N MET A 18 2.73 -3.37 1.48
CA MET A 18 2.97 -1.97 1.18
C MET A 18 1.68 -1.27 0.77
N MET A 19 0.96 -1.87 -0.18
CA MET A 19 -0.29 -1.31 -0.65
C MET A 19 -1.26 -1.09 0.50
N THR A 20 -1.35 -2.06 1.40
CA THR A 20 -2.23 -1.98 2.56
C THR A 20 -1.80 -0.85 3.49
N LEU A 21 -0.50 -0.69 3.65
CA LEU A 21 0.05 0.35 4.52
C LEU A 21 -0.33 1.73 4.02
N ILE A 22 -0.06 1.99 2.74
CA ILE A 22 -0.37 3.27 2.13
C ILE A 22 -1.88 3.50 2.07
N ASP A 23 -2.63 2.41 1.87
CA ASP A 23 -4.08 2.50 1.80
C ASP A 23 -4.67 2.93 3.13
N ILE A 24 -4.29 2.23 4.20
CA ILE A 24 -4.78 2.54 5.53
C ILE A 24 -4.35 3.94 5.97
N TYR A 25 -3.07 4.24 5.77
CA TYR A 25 -2.53 5.55 6.14
C TYR A 25 -3.21 6.66 5.35
N HIS A 26 -3.47 6.40 4.08
CA HIS A 26 -4.12 7.38 3.21
C HIS A 26 -5.57 7.61 3.64
N ALA A 27 -6.24 6.53 4.03
CA ALA A 27 -7.63 6.61 4.46
C ALA A 27 -7.76 7.43 5.74
N VAL A 28 -6.97 7.07 6.76
CA VAL A 28 -7.00 7.76 8.04
C VAL A 28 -6.51 9.21 7.88
N ASP A 29 -5.52 9.40 7.02
CA ASP A 29 -4.97 10.72 6.77
C ASP A 29 -5.97 11.60 6.03
N SER A 30 -6.72 11.00 5.12
CA SER A 30 -7.72 11.73 4.33
C SER A 30 -8.90 12.14 5.21
N THR A 31 -9.39 11.20 6.02
CA THR A 31 -10.52 11.45 6.89
C THR A 31 -10.13 12.39 8.03
N MET A 32 -8.90 12.26 8.50
CA MET A 32 -8.40 13.10 9.59
C MET A 32 -8.04 14.50 9.08
N SER A 33 -7.45 14.55 7.88
CA SER A 33 -7.05 15.82 7.29
C SER A 33 -7.48 15.88 5.83
N PRO A 34 -8.80 15.95 5.60
CA PRO A 34 -9.36 16.03 4.25
C PRO A 34 -9.08 17.36 3.57
N LYS A 35 -9.26 17.41 2.26
CA LYS A 35 -9.02 18.62 1.49
C LYS A 35 -10.34 19.21 0.97
N ASN A 36 -10.42 20.53 0.94
CA ASN A 36 -11.62 21.21 0.47
C ASN A 36 -11.48 21.60 -1.00
N ARG A 37 -12.28 20.97 -1.86
CA ARG A 37 -12.25 21.26 -3.28
C ARG A 37 -13.59 21.77 -3.77
N LEU A 38 -13.63 23.05 -4.14
CA LEU A 38 -14.86 23.68 -4.63
C LEU A 38 -15.08 23.36 -6.10
N GLU A 39 -16.15 22.63 -6.39
CA GLU A 39 -16.47 22.27 -7.77
C GLU A 39 -17.13 23.45 -8.50
N MET A 1 20.00 -12.85 -8.46
CA MET A 1 19.90 -14.29 -8.70
C MET A 1 19.00 -14.95 -7.65
N ILE A 2 17.93 -14.27 -7.28
CA ILE A 2 17.00 -14.78 -6.28
C ILE A 2 16.19 -15.95 -6.85
N SER A 3 15.51 -16.68 -5.96
CA SER A 3 14.71 -17.82 -6.38
C SER A 3 13.30 -17.37 -6.78
N ASP A 4 12.69 -18.12 -7.70
CA ASP A 4 11.34 -17.79 -8.17
C ASP A 4 10.35 -17.79 -7.01
N GLU A 5 10.55 -18.70 -6.06
CA GLU A 5 9.67 -18.79 -4.90
C GLU A 5 9.76 -17.54 -4.04
N GLN A 6 10.98 -17.19 -3.64
CA GLN A 6 11.20 -16.02 -2.81
C GLN A 6 10.73 -14.75 -3.53
N LEU A 7 11.02 -14.66 -4.82
CA LEU A 7 10.63 -13.50 -5.61
C LEU A 7 9.12 -13.34 -5.63
N ASN A 8 8.41 -14.42 -5.97
CA ASN A 8 6.95 -14.39 -6.03
C ASN A 8 6.37 -14.03 -4.66
N SER A 9 6.83 -14.72 -3.62
CA SER A 9 6.35 -14.46 -2.26
C SER A 9 6.59 -13.02 -1.87
N LEU A 10 7.77 -12.50 -2.19
CA LEU A 10 8.13 -11.12 -1.86
C LEU A 10 7.24 -10.14 -2.62
N ALA A 11 6.90 -10.49 -3.85
CA ALA A 11 6.06 -9.64 -4.67
C ALA A 11 4.65 -9.53 -4.09
N ILE A 12 4.02 -10.67 -3.85
CA ILE A 12 2.67 -10.69 -3.29
C ILE A 12 2.64 -10.05 -1.91
N THR A 13 3.69 -10.29 -1.12
CA THR A 13 3.78 -9.74 0.22
C THR A 13 3.83 -8.21 0.18
N PHE A 14 4.75 -7.67 -0.62
CA PHE A 14 4.89 -6.22 -0.75
C PHE A 14 3.62 -5.59 -1.29
N GLY A 15 2.99 -6.27 -2.24
CA GLY A 15 1.76 -5.76 -2.84
C GLY A 15 0.64 -5.62 -1.83
N ILE A 16 0.32 -6.71 -1.14
CA ILE A 16 -0.74 -6.70 -0.13
C ILE A 16 -0.44 -5.69 0.97
N VAL A 17 0.77 -5.78 1.53
CA VAL A 17 1.18 -4.87 2.59
C VAL A 17 1.10 -3.42 2.14
N MET A 18 1.43 -3.18 0.88
CA MET A 18 1.39 -1.84 0.32
C MET A 18 -0.05 -1.35 0.16
N MET A 19 -0.93 -2.28 -0.22
CA MET A 19 -2.34 -1.94 -0.40
C MET A 19 -3.01 -1.60 0.92
N THR A 20 -2.67 -2.36 1.96
CA THR A 20 -3.24 -2.14 3.29
C THR A 20 -2.64 -0.90 3.94
N LEU A 21 -1.35 -0.68 3.71
CA LEU A 21 -0.65 0.47 4.27
C LEU A 21 -1.17 1.77 3.66
N ILE A 22 -1.31 1.78 2.34
CA ILE A 22 -1.79 2.96 1.64
C ILE A 22 -3.28 3.19 1.90
N ASP A 23 -4.04 2.10 1.89
CA ASP A 23 -5.48 2.16 2.13
C ASP A 23 -5.78 2.75 3.51
N ILE A 24 -5.16 2.18 4.53
CA ILE A 24 -5.36 2.64 5.90
C ILE A 24 -4.81 4.05 6.08
N TYR A 25 -3.56 4.26 5.67
CA TYR A 25 -2.92 5.56 5.79
C TYR A 25 -3.75 6.64 5.08
N HIS A 26 -4.26 6.31 3.89
CA HIS A 26 -5.05 7.25 3.13
C HIS A 26 -6.35 7.60 3.86
N ALA A 27 -7.09 6.56 4.26
CA ALA A 27 -8.35 6.76 4.96
C ALA A 27 -8.13 7.53 6.25
N VAL A 28 -7.19 7.06 7.07
CA VAL A 28 -6.89 7.71 8.34
C VAL A 28 -6.44 9.16 8.13
N ASP A 29 -5.71 9.38 7.04
CA ASP A 29 -5.21 10.72 6.71
C ASP A 29 -6.35 11.61 6.22
N SER A 30 -7.30 11.01 5.51
CA SER A 30 -8.43 11.76 4.98
C SER A 30 -9.41 12.13 6.09
N THR A 31 -9.57 11.24 7.06
CA THR A 31 -10.47 11.48 8.18
C THR A 31 -9.84 12.42 9.20
N MET A 32 -8.53 12.29 9.38
CA MET A 32 -7.81 13.14 10.33
C MET A 32 -7.55 14.52 9.74
N SER A 33 -7.36 14.57 8.43
CA SER A 33 -7.09 15.82 7.74
C SER A 33 -7.80 15.88 6.39
N PRO A 34 -9.14 15.93 6.43
CA PRO A 34 -9.97 15.97 5.22
C PRO A 34 -9.84 17.30 4.48
N LYS A 35 -9.38 17.24 3.24
CA LYS A 35 -9.21 18.43 2.42
C LYS A 35 -10.41 18.64 1.50
N ASN A 36 -10.73 17.62 0.72
CA ASN A 36 -11.85 17.69 -0.20
C ASN A 36 -11.76 18.93 -1.09
N ARG A 37 -10.62 19.08 -1.77
CA ARG A 37 -10.40 20.22 -2.64
C ARG A 37 -10.30 19.78 -4.10
N LEU A 38 -9.34 18.90 -4.38
CA LEU A 38 -9.14 18.39 -5.73
C LEU A 38 -10.42 17.76 -6.28
N GLU A 39 -10.64 17.91 -7.58
CA GLU A 39 -11.82 17.36 -8.22
C GLU A 39 -11.60 15.91 -8.63
#